data_5J2P
#
_entry.id   5J2P
#
_cell.length_a   165.977
_cell.length_b   170.183
_cell.length_c   99.695
_cell.angle_alpha   90.000
_cell.angle_beta   90.000
_cell.angle_gamma   90.000
#
_symmetry.space_group_name_H-M   'C 2 2 21'
#
loop_
_entity.id
_entity.type
_entity.pdbx_description
1 polymer 'reverse transcriptase, p66 domain'
2 polymer 'reverse transcriptase, p51 domain'
3 polymer "DNA (5'-D(*AP*CP*AP*GP*TP*CP*CP*CP*TP*GP*TP*TP*CP*GP*GP*(MRG)P*CP*GP*CP*CP*(6FM)P*(6FM))-3')"
4 polymer 'DNA (27-MER)'
5 non-polymer 'MAGNESIUM ION'
6 non-polymer "2'-deoxy-4'-ethynyl-2-fluoroadenosine 5'-(dihydrogen phosphate)"
7 water water
#
loop_
_entity_poly.entity_id
_entity_poly.type
_entity_poly.pdbx_seq_one_letter_code
_entity_poly.pdbx_strand_id
1 'polypeptide(L)'
;PISPIETVPVKLKPGMDGPKVKQWPLTEEKIKALVEICTEMEKEGKISKIGPENPYNTPVFAIKKKDSTKWRKLVDFREL
NKRTQDFWEVQLGIPHPAGLKKKKSVTVLDVGDAYFSVPLDEDFRKYTAFTIPSINNETPGIRYQYNVLPQGWKGSPAIF
QSSMTKILEPFRKQNPDIVIYQYMDDLYVGSDLEIGQHRTKIEELRQHLLRWGLTTPDKKHQKEPPFLWMGYELHPDKWT
VQPIVLPEKDSWTVNDICKLVGKLNWASQIYPGIKVRQLSKLLRGTKALTEVIPLTEEAELELAENREILKEPVHGVYYD
PSKDLIAEIQKQGQGQWTYQIYQEPFKNLKTGKYARMRGAHTNDVKQLTEAVQKITTESIVIWGKTPKFKLPIQKETWET
WWTEYWQATWIPEWEFVNTPPLVKLWYQLEKEPIVGAETFYVDGAANRETKLGKAGYVTNRGRQKVVTLTDTTNQKTELQ
AIYLALQDSGLEVNIVTDSQYALGIIQAQPDQSESELVNQIIEQLIKKEKVYLAWVPAHKGIGGNEQVDKLVSAGIRKVL
;
A
2 'polypeptide(L)'
;PISPIETVPVKLKPGMDGPKVKQWPLTEEKIKALVEICTEMEKEGKISKIGPENPYNTPVFAIKKKDSTKWRKLVDFREL
NKRTQDFWEVQLGIPHPAGLKKKKSVTVLDVGDAYFSVPLDEDFRKYTAFTIPSINNETPGIRYQYNVLPQGWKGSPAIF
QSSMTKILEPFRKQNPDIVIYQYMDDLYVGSDLEIGQHRTKIEELRQHLLRWGLTTPDKKHQKEPPFLWMGYELHPDKWT
VQPIVLPEKDSWTVNDIQKLVGKLNWASQIYPGIKVRQLSKLLRGTKALTEVIPLTEEAELELAENREILKEPVHGVYYD
PSKDLIAEIQKQGQGQWTYQIYQEPFKNLKTGKYARMRGAHTNDVKQLTEAVQKITTESIVIWGKTPKFKLPIQKETWET
WWTEYWQATWIPEWEFVNTPPLVKLWYQLEKEPIVGAETF
;
B
3 'polydeoxyribonucleotide'
;(DA)(DC)(DA)(DG)(DT)(DC)(DC)(DC)(DT)(DG)(DT)(DT)(DC)(DG)(DG)(MRG)(DC)(DG)(DC)
(DC)(6FM)(6FM)
;
P
4 'polydeoxyribonucleotide'
;(DA)(DT)(DG)(DG)(DT)(DT)(DG)(DG)(DC)(DG)(DC)(DC)(DC)(DG)(DA)(DA)(DC)(DA)(DG)(DG)
(DG)(DA)(DC)(DT)(DG)(DT)(DG)
;
T
#
# COMPACT_ATOMS: atom_id res chain seq x y z
N PRO A 1 -4.38 -6.49 42.97
CA PRO A 1 -3.08 -7.16 43.12
C PRO A 1 -2.13 -6.84 41.95
N ILE A 2 -1.04 -7.60 41.86
CA ILE A 2 -0.08 -7.49 40.77
C ILE A 2 -0.07 -8.82 40.03
N SER A 3 -0.11 -8.76 38.69
CA SER A 3 -0.23 -9.96 37.89
C SER A 3 1.00 -10.84 38.08
N PRO A 4 0.82 -12.16 38.25
CA PRO A 4 1.96 -13.08 38.25
C PRO A 4 2.52 -13.39 36.88
N ILE A 5 2.10 -12.64 35.85
CA ILE A 5 2.64 -12.81 34.51
C ILE A 5 4.11 -12.40 34.49
N GLU A 6 4.87 -13.02 33.60
CA GLU A 6 6.28 -12.65 33.44
C GLU A 6 6.40 -11.24 32.89
N THR A 7 7.44 -10.54 33.33
CA THR A 7 7.70 -9.21 32.82
C THR A 7 8.28 -9.28 31.41
N VAL A 8 8.23 -8.16 30.71
CA VAL A 8 8.78 -8.03 29.37
C VAL A 8 10.16 -7.41 29.49
N PRO A 9 11.22 -8.09 29.08
CA PRO A 9 12.57 -7.52 29.22
C PRO A 9 12.74 -6.29 28.33
N VAL A 10 13.17 -5.19 28.93
CA VAL A 10 13.28 -3.90 28.25
C VAL A 10 14.63 -3.29 28.60
N LYS A 11 15.32 -2.77 27.59
CA LYS A 11 16.62 -2.14 27.75
C LYS A 11 16.57 -0.70 27.25
N LEU A 12 17.54 0.09 27.70
CA LEU A 12 17.73 1.42 27.13
C LEU A 12 18.47 1.31 25.80
N LYS A 13 18.46 2.39 25.05
CA LYS A 13 19.22 2.43 23.81
C LYS A 13 20.72 2.44 24.14
N PRO A 14 21.55 1.87 23.26
CA PRO A 14 22.98 1.72 23.59
C PRO A 14 23.63 3.07 23.88
N GLY A 15 24.45 3.09 24.93
CA GLY A 15 25.15 4.29 25.33
C GLY A 15 24.33 5.31 26.10
N MET A 16 23.10 4.96 26.49
CA MET A 16 22.20 5.89 27.16
C MET A 16 22.07 5.53 28.64
N ASP A 17 21.66 6.51 29.42
CA ASP A 17 21.43 6.35 30.85
C ASP A 17 20.06 6.93 31.20
N GLY A 18 19.57 6.55 32.38
CA GLY A 18 18.27 6.99 32.84
C GLY A 18 18.14 8.50 32.93
N PRO A 19 16.92 8.99 33.01
CA PRO A 19 16.70 10.44 33.05
C PRO A 19 17.07 11.02 34.41
N LYS A 20 17.34 12.33 34.41
CA LYS A 20 17.72 13.06 35.60
C LYS A 20 17.09 14.44 35.57
N VAL A 21 15.77 14.49 35.48
CA VAL A 21 15.00 15.72 35.48
C VAL A 21 14.35 15.88 36.85
N LYS A 22 14.38 17.10 37.38
CA LYS A 22 13.84 17.35 38.71
C LYS A 22 12.36 17.72 38.64
N GLN A 23 11.68 17.51 39.77
CA GLN A 23 10.24 17.74 39.83
C GLN A 23 9.93 19.23 39.73
N TRP A 24 8.87 19.54 38.99
CA TRP A 24 8.40 20.92 38.91
C TRP A 24 7.41 21.19 40.04
N PRO A 25 7.20 22.47 40.40
CA PRO A 25 6.29 22.78 41.50
C PRO A 25 4.87 22.33 41.20
N LEU A 26 4.18 21.87 42.23
CA LEU A 26 2.82 21.34 42.11
C LEU A 26 1.88 22.05 43.06
N THR A 27 0.60 22.00 42.73
CA THR A 27 -0.42 22.61 43.56
C THR A 27 -0.65 21.77 44.82
N GLU A 28 -1.18 22.42 45.85
CA GLU A 28 -1.48 21.72 47.10
C GLU A 28 -2.46 20.57 46.88
N GLU A 29 -3.49 20.79 46.06
CA GLU A 29 -4.43 19.72 45.75
C GLU A 29 -3.74 18.59 44.98
N LYS A 30 -2.89 18.94 44.01
CA LYS A 30 -2.15 17.91 43.27
C LYS A 30 -1.28 17.09 44.21
N ILE A 31 -0.61 17.74 45.16
CA ILE A 31 0.28 17.03 46.07
C ILE A 31 -0.52 16.09 46.97
N LYS A 32 -1.63 16.57 47.52
CA LYS A 32 -2.45 15.75 48.41
C LYS A 32 -2.96 14.50 47.71
N ALA A 33 -3.22 14.59 46.40
CA ALA A 33 -3.72 13.44 45.66
C ALA A 33 -2.59 12.44 45.36
N LEU A 34 -1.39 12.96 45.07
CA LEU A 34 -0.29 12.07 44.72
C LEU A 34 0.20 11.28 45.93
N VAL A 35 0.22 11.90 47.11
CA VAL A 35 0.65 11.16 48.30
C VAL A 35 -0.35 10.06 48.65
N GLU A 36 -1.65 10.32 48.43
CA GLU A 36 -2.66 9.30 48.70
C GLU A 36 -2.52 8.14 47.73
N ILE A 37 -2.18 8.42 46.47
CA ILE A 37 -1.96 7.36 45.50
C ILE A 37 -0.66 6.63 45.80
N CYS A 38 0.40 7.37 46.13
CA CYS A 38 1.70 6.75 46.31
C CYS A 38 1.80 5.97 47.62
N THR A 39 1.10 6.40 48.66
CA THR A 39 1.09 5.62 49.89
C THR A 39 0.41 4.27 49.68
N GLU A 40 -0.68 4.26 48.90
CA GLU A 40 -1.39 3.00 48.68
C GLU A 40 -0.61 2.08 47.75
N MET A 41 -0.05 2.63 46.67
CA MET A 41 0.72 1.81 45.74
C MET A 41 1.95 1.22 46.40
N GLU A 42 2.47 1.89 47.43
CA GLU A 42 3.61 1.35 48.16
C GLU A 42 3.18 0.20 49.07
N LYS A 43 1.99 0.30 49.66
CA LYS A 43 1.47 -0.80 50.48
C LYS A 43 1.20 -2.04 49.65
N GLU A 44 0.92 -1.87 48.35
CA GLU A 44 0.58 -2.97 47.47
C GLU A 44 1.76 -3.45 46.65
N GLY A 45 2.96 -2.98 46.94
CA GLY A 45 4.13 -3.37 46.18
C GLY A 45 4.20 -2.82 44.77
N LYS A 46 3.26 -1.95 44.39
CA LYS A 46 3.27 -1.40 43.04
C LYS A 46 4.38 -0.39 42.83
N ILE A 47 4.77 0.32 43.89
CA ILE A 47 5.95 1.18 43.88
C ILE A 47 6.76 0.88 45.14
N SER A 48 8.07 1.03 45.03
CA SER A 48 8.99 0.77 46.12
C SER A 48 9.79 2.03 46.44
N LYS A 49 10.06 2.24 47.73
CA LYS A 49 10.88 3.37 48.14
C LYS A 49 12.32 3.16 47.71
N ILE A 50 12.98 4.23 47.28
CA ILE A 50 14.38 4.21 46.92
C ILE A 50 15.11 5.25 47.75
N GLY A 51 16.44 5.19 47.70
CA GLY A 51 17.27 6.12 48.41
C GLY A 51 18.34 6.75 47.54
N PRO A 52 19.52 7.02 48.11
CA PRO A 52 20.61 7.61 47.33
C PRO A 52 21.25 6.65 46.34
N GLU A 53 20.98 5.35 46.45
CA GLU A 53 21.49 4.39 45.47
C GLU A 53 20.86 4.59 44.10
N ASN A 54 19.77 5.34 44.01
CA ASN A 54 19.11 5.63 42.75
C ASN A 54 19.37 7.10 42.39
N PRO A 55 20.08 7.39 41.30
CA PRO A 55 20.37 8.77 40.94
C PRO A 55 19.44 9.38 39.89
N TYR A 56 18.34 8.73 39.54
CA TYR A 56 17.45 9.21 38.50
C TYR A 56 16.22 9.87 39.08
N ASN A 57 15.54 10.65 38.24
CA ASN A 57 14.30 11.30 38.63
C ASN A 57 13.58 11.77 37.37
N THR A 58 12.25 11.82 37.45
CA THR A 58 11.40 12.29 36.38
C THR A 58 10.20 13.01 36.99
N PRO A 59 9.84 14.18 36.48
CA PRO A 59 8.69 14.91 37.04
C PRO A 59 7.38 14.18 36.80
N VAL A 60 6.53 14.17 37.83
CA VAL A 60 5.21 13.57 37.77
C VAL A 60 4.16 14.65 37.90
N PHE A 61 2.93 14.29 37.53
CA PHE A 61 1.79 15.17 37.68
C PHE A 61 0.52 14.31 37.63
N ALA A 62 -0.63 14.97 37.65
CA ALA A 62 -1.90 14.27 37.72
C ALA A 62 -2.98 15.09 37.03
N ILE A 63 -3.96 14.39 36.47
CA ILE A 63 -5.12 15.02 35.83
C ILE A 63 -6.37 14.28 36.28
N LYS A 64 -7.52 14.88 36.01
CA LYS A 64 -8.80 14.25 36.31
C LYS A 64 -9.07 13.10 35.35
N LYS A 65 -9.73 12.07 35.87
CA LYS A 65 -10.15 10.96 35.03
C LYS A 65 -11.44 11.33 34.30
N LYS A 66 -11.90 10.42 33.43
CA LYS A 66 -13.14 10.66 32.69
C LYS A 66 -14.34 10.64 33.62
N ASP A 67 -14.30 9.83 34.68
CA ASP A 67 -15.33 9.89 35.72
C ASP A 67 -15.25 11.19 36.51
N SER A 68 -14.13 11.90 36.42
CA SER A 68 -13.91 13.25 36.96
C SER A 68 -13.88 13.29 38.49
N THR A 69 -13.77 12.15 39.16
CA THR A 69 -13.63 12.12 40.61
C THR A 69 -12.23 11.69 41.04
N LYS A 70 -11.80 10.50 40.65
CA LYS A 70 -10.47 10.02 40.98
C LYS A 70 -9.41 10.70 40.10
N TRP A 71 -8.16 10.63 40.54
CA TRP A 71 -7.05 11.24 39.84
C TRP A 71 -6.25 10.18 39.08
N ARG A 72 -5.69 10.60 37.94
CA ARG A 72 -4.85 9.75 37.12
C ARG A 72 -3.41 10.25 37.24
N LYS A 73 -2.54 9.43 37.84
CA LYS A 73 -1.14 9.80 38.03
C LYS A 73 -0.37 9.61 36.73
N LEU A 74 0.25 10.68 36.25
CA LEU A 74 1.03 10.66 35.02
C LEU A 74 2.48 11.01 35.31
N VAL A 75 3.36 10.61 34.39
CA VAL A 75 4.78 10.89 34.48
C VAL A 75 5.26 11.43 33.14
N ASP A 76 5.96 12.56 33.18
CA ASP A 76 6.49 13.20 31.97
C ASP A 76 7.81 12.52 31.58
N PHE A 77 7.67 11.31 31.06
CA PHE A 77 8.81 10.46 30.75
C PHE A 77 9.43 10.78 29.39
N ARG A 78 9.30 12.02 28.92
CA ARG A 78 9.73 12.35 27.57
C ARG A 78 11.22 12.08 27.37
N GLU A 79 12.04 12.38 28.39
CA GLU A 79 13.47 12.14 28.25
C GLU A 79 13.79 10.65 28.32
N LEU A 80 13.14 9.92 29.23
CA LEU A 80 13.34 8.48 29.29
C LEU A 80 12.88 7.79 28.01
N ASN A 81 11.78 8.27 27.42
CA ASN A 81 11.27 7.66 26.20
C ASN A 81 12.22 7.83 25.03
N LYS A 82 12.96 8.95 24.98
CA LYS A 82 13.95 9.12 23.91
C LYS A 82 15.06 8.09 24.02
N ARG A 83 15.37 7.64 25.23
CA ARG A 83 16.50 6.76 25.49
C ARG A 83 16.08 5.31 25.69
N THR A 84 14.79 5.02 25.67
CA THR A 84 14.33 3.64 25.76
C THR A 84 14.35 3.00 24.38
N GLN A 85 14.59 1.69 24.36
CA GLN A 85 14.61 0.90 23.13
C GLN A 85 13.37 1.14 22.27
N ASP A 86 13.46 0.80 20.99
CA ASP A 86 12.27 0.81 20.15
C ASP A 86 11.38 -0.37 20.50
N PHE A 87 10.08 -0.19 20.28
CA PHE A 87 9.10 -1.26 20.40
C PHE A 87 8.44 -1.46 19.05
N TRP A 88 7.80 -2.62 18.87
CA TRP A 88 6.87 -2.82 17.78
C TRP A 88 5.46 -2.80 18.37
N GLU A 89 4.70 -1.76 18.02
CA GLU A 89 3.36 -1.61 18.58
C GLU A 89 2.47 -2.74 18.09
N VAL A 90 1.74 -3.36 19.02
CA VAL A 90 0.88 -4.49 18.67
C VAL A 90 -0.55 -4.08 18.36
N GLN A 91 -0.97 -2.89 18.76
CA GLN A 91 -2.30 -2.38 18.46
C GLN A 91 -2.32 -1.93 17.00
N LEU A 92 -3.02 -2.67 16.15
CA LEU A 92 -2.99 -2.43 14.71
C LEU A 92 -4.16 -1.59 14.22
N GLY A 93 -5.07 -1.20 15.10
CA GLY A 93 -6.21 -0.43 14.68
C GLY A 93 -7.24 -0.35 15.79
N ILE A 94 -8.38 0.22 15.44
CA ILE A 94 -9.48 0.48 16.38
C ILE A 94 -10.66 -0.38 15.96
N PRO A 95 -11.26 -1.16 16.88
CA PRO A 95 -12.43 -1.95 16.49
C PRO A 95 -13.64 -1.07 16.24
N HIS A 96 -14.49 -1.51 15.32
CA HIS A 96 -15.65 -0.73 14.92
C HIS A 96 -16.93 -1.52 15.13
N PRO A 97 -18.00 -0.88 15.61
CA PRO A 97 -19.24 -1.64 15.90
C PRO A 97 -19.91 -2.23 14.67
N ALA A 98 -19.63 -1.70 13.48
CA ALA A 98 -20.21 -2.28 12.27
C ALA A 98 -19.65 -3.68 11.99
N GLY A 99 -18.49 -4.01 12.56
CA GLY A 99 -17.90 -5.32 12.42
C GLY A 99 -18.30 -6.31 13.48
N LEU A 100 -19.06 -5.88 14.49
CA LEU A 100 -19.56 -6.81 15.49
C LEU A 100 -20.67 -7.67 14.91
N LYS A 101 -20.59 -8.98 15.15
CA LYS A 101 -21.64 -9.88 14.73
C LYS A 101 -22.72 -9.93 15.79
N LYS A 102 -23.94 -10.26 15.37
CA LYS A 102 -25.06 -10.33 16.30
C LYS A 102 -24.84 -11.48 17.27
N LYS A 103 -24.88 -11.17 18.57
CA LYS A 103 -24.76 -12.17 19.62
C LYS A 103 -26.01 -12.13 20.50
N LYS A 104 -26.33 -13.29 21.07
CA LYS A 104 -27.53 -13.38 21.91
C LYS A 104 -27.36 -12.61 23.21
N SER A 105 -26.18 -12.71 23.84
CA SER A 105 -25.91 -12.04 25.10
C SER A 105 -24.58 -11.29 25.03
N VAL A 106 -24.57 -10.08 25.57
CA VAL A 106 -23.42 -9.18 25.50
C VAL A 106 -23.09 -8.65 26.89
N THR A 107 -21.80 -8.65 27.23
CA THR A 107 -21.30 -8.00 28.42
C THR A 107 -20.15 -7.07 28.05
N VAL A 108 -20.10 -5.90 28.68
CA VAL A 108 -18.98 -4.98 28.56
C VAL A 108 -18.48 -4.67 29.97
N LEU A 109 -17.22 -5.03 30.24
CA LEU A 109 -16.62 -4.77 31.54
C LEU A 109 -15.16 -4.39 31.35
N ASP A 110 -14.63 -3.67 32.34
CA ASP A 110 -13.27 -3.16 32.31
C ASP A 110 -12.44 -3.78 33.42
N VAL A 111 -11.14 -3.86 33.19
CA VAL A 111 -10.18 -4.22 34.22
C VAL A 111 -9.83 -2.97 35.01
N GLY A 112 -9.88 -3.06 36.34
CA GLY A 112 -9.56 -1.92 37.17
C GLY A 112 -8.05 -1.82 37.39
N ASP A 113 -7.56 -0.58 37.41
CA ASP A 113 -6.15 -0.28 37.63
CA ASP A 113 -6.15 -0.29 37.64
C ASP A 113 -5.26 -1.16 36.76
N ALA A 114 -5.45 -1.01 35.44
CA ALA A 114 -4.85 -1.91 34.47
C ALA A 114 -3.33 -1.82 34.47
N TYR A 115 -2.78 -0.66 34.11
CA TYR A 115 -1.32 -0.51 34.02
C TYR A 115 -0.64 -0.91 35.32
N PHE A 116 -1.19 -0.45 36.45
CA PHE A 116 -0.57 -0.67 37.75
C PHE A 116 -0.76 -2.09 38.27
N SER A 117 -1.29 -2.99 37.44
CA SER A 117 -1.44 -4.39 37.81
C SER A 117 -0.54 -5.32 37.00
N VAL A 118 0.23 -4.79 36.06
CA VAL A 118 1.14 -5.56 35.22
C VAL A 118 2.57 -5.23 35.67
N PRO A 119 3.36 -6.22 36.07
CA PRO A 119 4.69 -5.90 36.61
C PRO A 119 5.63 -5.40 35.53
N LEU A 120 6.57 -4.57 35.96
CA LEU A 120 7.60 -4.02 35.09
C LEU A 120 8.88 -4.81 35.22
N ASP A 121 9.68 -4.81 34.14
CA ASP A 121 10.97 -5.50 34.14
C ASP A 121 11.84 -5.02 35.31
N GLU A 122 12.30 -5.97 36.12
CA GLU A 122 13.00 -5.62 37.35
C GLU A 122 14.27 -4.82 37.09
N ASP A 123 14.99 -5.16 36.02
CA ASP A 123 16.23 -4.44 35.73
C ASP A 123 16.00 -3.04 35.19
N PHE A 124 14.76 -2.70 34.83
CA PHE A 124 14.42 -1.40 34.26
C PHE A 124 13.76 -0.47 35.27
N ARG A 125 13.40 -0.97 36.47
CA ARG A 125 12.57 -0.22 37.39
C ARG A 125 13.25 1.05 37.89
N LYS A 126 14.57 1.02 38.07
CA LYS A 126 15.26 2.16 38.67
C LYS A 126 15.22 3.41 37.78
N TYR A 127 14.94 3.25 36.49
CA TYR A 127 14.87 4.39 35.58
C TYR A 127 13.58 5.18 35.72
N THR A 128 12.55 4.61 36.34
CA THR A 128 11.28 5.28 36.56
C THR A 128 11.22 6.01 37.89
N ALA A 129 12.37 6.41 38.42
CA ALA A 129 12.43 7.05 39.72
C ALA A 129 11.77 8.43 39.68
N PHE A 130 11.00 8.73 40.73
CA PHE A 130 10.35 10.02 40.87
C PHE A 130 10.30 10.37 42.35
N THR A 131 10.03 11.65 42.62
CA THR A 131 10.00 12.15 43.99
C THR A 131 8.67 12.88 44.22
N ILE A 132 8.01 12.55 45.32
CA ILE A 132 6.72 13.13 45.68
C ILE A 132 6.92 13.99 46.92
N PRO A 133 6.74 15.31 46.83
CA PRO A 133 6.78 16.14 48.05
C PRO A 133 5.60 15.82 48.96
N SER A 134 5.84 15.88 50.27
CA SER A 134 4.85 15.46 51.25
C SER A 134 4.51 16.66 52.12
N ILE A 135 4.75 16.57 53.44
CA ILE A 135 4.57 17.69 54.35
C ILE A 135 5.95 18.26 54.65
N ASN A 136 6.44 19.13 53.76
CA ASN A 136 7.83 19.55 53.80
C ASN A 136 8.14 20.30 55.09
N ASN A 137 9.40 20.22 55.51
CA ASN A 137 9.91 20.80 56.76
C ASN A 137 9.28 20.13 57.98
N GLU A 138 8.32 19.23 57.75
CA GLU A 138 7.88 18.28 58.76
C GLU A 138 8.23 16.84 58.39
N THR A 139 8.35 16.55 57.08
CA THR A 139 8.87 15.31 56.57
C THR A 139 9.27 15.56 55.13
N PRO A 140 10.44 15.08 54.68
CA PRO A 140 10.90 15.39 53.32
C PRO A 140 10.11 14.63 52.26
N GLY A 141 10.41 14.91 50.98
CA GLY A 141 9.71 14.27 49.89
C GLY A 141 10.21 12.86 49.65
N ILE A 142 9.27 11.92 49.52
CA ILE A 142 9.62 10.51 49.42
C ILE A 142 9.97 10.18 47.97
N ARG A 143 11.00 9.35 47.80
CA ARG A 143 11.45 8.91 46.48
C ARG A 143 11.00 7.47 46.24
N TYR A 144 10.32 7.26 45.11
CA TYR A 144 9.81 5.96 44.74
C TYR A 144 10.32 5.55 43.37
N GLN A 145 10.23 4.25 43.09
CA GLN A 145 10.40 3.71 41.75
C GLN A 145 9.22 2.81 41.42
N TYR A 146 8.91 2.71 40.14
CA TYR A 146 7.77 1.91 39.69
C TYR A 146 8.15 0.43 39.62
N ASN A 147 7.31 -0.41 40.20
CA ASN A 147 7.40 -1.86 40.02
C ASN A 147 6.41 -2.36 38.98
N VAL A 148 5.55 -1.48 38.46
CA VAL A 148 4.53 -1.82 37.48
C VAL A 148 4.60 -0.80 36.34
N LEU A 149 3.72 -0.98 35.36
CA LEU A 149 3.74 -0.12 34.18
C LEU A 149 3.33 1.31 34.54
N PRO A 150 4.15 2.31 34.25
CA PRO A 150 3.76 3.69 34.51
C PRO A 150 3.05 4.33 33.33
N GLN A 151 2.22 5.31 33.65
CA GLN A 151 1.47 6.07 32.65
C GLN A 151 2.31 7.25 32.20
N GLY A 152 2.62 7.31 30.91
CA GLY A 152 3.57 8.27 30.36
C GLY A 152 4.81 7.64 29.76
N TRP A 153 5.08 6.37 30.05
CA TRP A 153 6.22 5.67 29.46
C TRP A 153 5.85 5.14 28.08
N LYS A 154 6.86 5.08 27.20
CA LYS A 154 6.63 4.68 25.83
C LYS A 154 6.17 3.23 25.73
N GLY A 155 6.79 2.35 26.52
CA GLY A 155 6.52 0.92 26.40
C GLY A 155 5.25 0.43 27.08
N SER A 156 4.64 1.23 27.95
CA SER A 156 3.49 0.75 28.71
C SER A 156 2.32 0.31 27.84
N PRO A 157 1.90 1.04 26.80
CA PRO A 157 0.76 0.55 26.00
C PRO A 157 1.00 -0.79 25.34
N ALA A 158 2.11 -0.94 24.62
CA ALA A 158 2.37 -2.19 23.91
C ALA A 158 2.60 -3.34 24.87
N ILE A 159 3.29 -3.09 25.99
CA ILE A 159 3.52 -4.15 26.96
C ILE A 159 2.22 -4.58 27.61
N PHE A 160 1.33 -3.63 27.92
CA PHE A 160 0.06 -4.02 28.50
C PHE A 160 -0.82 -4.77 27.51
N GLN A 161 -0.95 -4.23 26.29
CA GLN A 161 -1.79 -4.88 25.29
C GLN A 161 -1.31 -6.30 25.01
N SER A 162 0.01 -6.49 24.91
CA SER A 162 0.54 -7.83 24.70
C SER A 162 0.32 -8.72 25.91
N SER A 163 0.56 -8.19 27.12
CA SER A 163 0.32 -8.95 28.33
C SER A 163 -1.14 -9.37 28.44
N MET A 164 -2.07 -8.46 28.11
CA MET A 164 -3.48 -8.78 28.16
C MET A 164 -3.83 -9.90 27.18
N THR A 165 -3.16 -9.94 26.02
CA THR A 165 -3.41 -10.99 25.05
C THR A 165 -2.95 -12.35 25.59
N LYS A 166 -1.79 -12.40 26.24
CA LYS A 166 -1.32 -13.65 26.82
C LYS A 166 -2.25 -14.14 27.93
N ILE A 167 -2.79 -13.21 28.72
CA ILE A 167 -3.67 -13.57 29.82
C ILE A 167 -4.99 -14.15 29.29
N LEU A 168 -5.51 -13.56 28.21
CA LEU A 168 -6.77 -14.03 27.65
C LEU A 168 -6.61 -15.28 26.78
N GLU A 169 -5.37 -15.65 26.42
CA GLU A 169 -5.17 -16.76 25.49
C GLU A 169 -5.74 -18.08 26.01
N PRO A 170 -5.50 -18.50 27.26
CA PRO A 170 -6.10 -19.77 27.71
C PRO A 170 -7.63 -19.75 27.72
N PHE A 171 -8.24 -18.61 28.05
CA PHE A 171 -9.70 -18.55 28.06
C PHE A 171 -10.26 -18.60 26.63
N ARG A 172 -9.62 -17.88 25.69
CA ARG A 172 -10.06 -17.95 24.30
C ARG A 172 -9.91 -19.37 23.76
N LYS A 173 -8.80 -20.03 24.09
CA LYS A 173 -8.60 -21.41 23.65
C LYS A 173 -9.68 -22.33 24.20
N GLN A 174 -10.03 -22.16 25.48
CA GLN A 174 -11.07 -23.00 26.08
C GLN A 174 -12.46 -22.63 25.59
N ASN A 175 -12.70 -21.35 25.31
CA ASN A 175 -14.01 -20.85 24.90
C ASN A 175 -13.87 -20.18 23.54
N PRO A 176 -13.75 -20.96 22.47
CA PRO A 176 -13.56 -20.35 21.14
C PRO A 176 -14.79 -19.67 20.60
N ASP A 177 -15.97 -19.96 21.15
CA ASP A 177 -17.23 -19.38 20.68
C ASP A 177 -17.65 -18.17 21.50
N ILE A 178 -16.84 -17.74 22.46
CA ILE A 178 -17.07 -16.51 23.20
C ILE A 178 -16.19 -15.45 22.55
N VAL A 179 -16.79 -14.45 21.91
CA VAL A 179 -16.02 -13.39 21.28
C VAL A 179 -15.67 -12.34 22.33
N ILE A 180 -14.40 -11.99 22.39
CA ILE A 180 -13.88 -11.04 23.36
C ILE A 180 -13.14 -9.94 22.61
N TYR A 181 -13.74 -8.76 22.52
CA TYR A 181 -13.09 -7.60 21.95
C TYR A 181 -12.27 -6.91 23.02
N GLN A 182 -10.95 -6.92 22.85
CA GLN A 182 -10.00 -6.47 23.87
C GLN A 182 -9.32 -5.20 23.38
N TYR A 183 -9.71 -4.06 23.96
CA TYR A 183 -9.11 -2.77 23.64
C TYR A 183 -8.66 -2.12 24.94
N MET A 184 -7.34 -1.97 25.11
CA MET A 184 -6.75 -1.53 26.35
C MET A 184 -7.28 -2.39 27.50
N ASP A 185 -7.93 -1.77 28.48
CA ASP A 185 -8.47 -2.49 29.62
C ASP A 185 -9.93 -2.89 29.44
N ASP A 186 -10.54 -2.55 28.31
CA ASP A 186 -11.96 -2.76 28.10
C ASP A 186 -12.22 -4.09 27.40
N LEU A 187 -13.26 -4.80 27.84
CA LEU A 187 -13.59 -6.11 27.31
C LEU A 187 -15.06 -6.14 26.89
N TYR A 188 -15.29 -6.26 25.60
CA TYR A 188 -16.60 -6.62 25.07
C TYR A 188 -16.66 -8.13 24.96
N VAL A 189 -17.69 -8.74 25.55
CA VAL A 189 -17.85 -10.19 25.57
C VAL A 189 -19.22 -10.54 25.04
N GLY A 190 -19.26 -11.39 24.03
CA GLY A 190 -20.51 -11.79 23.41
C GLY A 190 -20.61 -13.29 23.24
N SER A 191 -21.79 -13.83 23.50
CA SER A 191 -22.02 -15.26 23.39
C SER A 191 -23.36 -15.49 22.70
N ASP A 192 -23.60 -16.75 22.34
CA ASP A 192 -24.87 -17.20 21.79
C ASP A 192 -25.64 -18.04 22.80
N LEU A 193 -25.38 -17.81 24.08
CA LEU A 193 -26.03 -18.52 25.17
C LEU A 193 -27.19 -17.71 25.73
N GLU A 194 -28.09 -18.41 26.42
CA GLU A 194 -29.09 -17.72 27.21
C GLU A 194 -28.42 -16.87 28.29
N ILE A 195 -29.14 -15.86 28.76
CA ILE A 195 -28.53 -14.86 29.64
C ILE A 195 -28.02 -15.50 30.92
N GLY A 196 -28.68 -16.55 31.41
CA GLY A 196 -28.20 -17.21 32.61
C GLY A 196 -26.87 -17.91 32.39
N GLN A 197 -26.81 -18.77 31.37
CA GLN A 197 -25.57 -19.48 31.06
C GLN A 197 -24.47 -18.51 30.62
N HIS A 198 -24.85 -17.40 29.98
CA HIS A 198 -23.87 -16.39 29.59
C HIS A 198 -23.19 -15.78 30.82
N ARG A 199 -23.98 -15.46 31.84
CA ARG A 199 -23.42 -14.81 33.03
C ARG A 199 -22.46 -15.74 33.76
N THR A 200 -22.72 -17.05 33.76
CA THR A 200 -21.77 -17.98 34.38
C THR A 200 -20.46 -17.99 33.62
N LYS A 201 -20.51 -17.88 32.29
CA LYS A 201 -19.28 -17.78 31.51
C LYS A 201 -18.55 -16.48 31.80
N ILE A 202 -19.29 -15.40 32.07
CA ILE A 202 -18.66 -14.14 32.45
C ILE A 202 -17.90 -14.30 33.76
N GLU A 203 -18.51 -14.97 34.75
CA GLU A 203 -17.85 -15.19 36.02
C GLU A 203 -16.61 -16.06 35.87
N GLU A 204 -16.65 -17.02 34.95
CA GLU A 204 -15.45 -17.81 34.67
C GLU A 204 -14.35 -16.93 34.09
N LEU A 205 -14.72 -15.99 33.21
CA LEU A 205 -13.75 -15.03 32.68
C LEU A 205 -13.21 -14.15 33.79
N ARG A 206 -14.09 -13.64 34.66
CA ARG A 206 -13.64 -12.78 35.75
C ARG A 206 -12.71 -13.54 36.69
N GLN A 207 -13.05 -14.78 37.02
CA GLN A 207 -12.16 -15.60 37.84
C GLN A 207 -10.85 -15.90 37.12
N HIS A 208 -10.91 -16.10 35.79
CA HIS A 208 -9.69 -16.30 35.02
C HIS A 208 -8.80 -15.06 35.09
N LEU A 209 -9.39 -13.88 34.90
CA LEU A 209 -8.62 -12.65 34.99
C LEU A 209 -8.08 -12.43 36.40
N LEU A 210 -8.90 -12.71 37.41
CA LEU A 210 -8.47 -12.57 38.79
C LEU A 210 -7.28 -13.48 39.09
N ARG A 211 -7.28 -14.70 38.53
CA ARG A 211 -6.13 -15.58 38.69
C ARG A 211 -4.86 -14.96 38.14
N TRP A 212 -4.98 -14.12 37.12
CA TRP A 212 -3.84 -13.41 36.57
C TRP A 212 -3.72 -11.98 37.11
N GLY A 213 -4.32 -11.70 38.26
CA GLY A 213 -4.11 -10.44 38.93
C GLY A 213 -4.84 -9.26 38.34
N LEU A 214 -5.91 -9.48 37.59
CA LEU A 214 -6.67 -8.41 36.97
C LEU A 214 -8.09 -8.43 37.53
N THR A 215 -8.44 -7.41 38.29
CA THR A 215 -9.77 -7.28 38.87
C THR A 215 -10.76 -6.76 37.82
N THR A 216 -12.04 -6.96 38.10
CA THR A 216 -13.12 -6.42 37.27
C THR A 216 -14.18 -5.84 38.20
N PRO A 217 -14.08 -4.56 38.54
CA PRO A 217 -15.03 -3.96 39.48
C PRO A 217 -16.43 -3.86 38.87
N ASP A 218 -17.43 -4.08 39.73
CA ASP A 218 -18.83 -4.10 39.29
C ASP A 218 -19.29 -2.73 38.78
N LYS A 219 -18.64 -1.64 39.21
CA LYS A 219 -19.03 -0.32 38.75
C LYS A 219 -18.78 -0.15 37.26
N LYS A 220 -17.82 -0.89 36.70
CA LYS A 220 -17.54 -0.87 35.28
C LYS A 220 -17.99 -2.16 34.59
N HIS A 221 -18.96 -2.86 35.17
CA HIS A 221 -19.51 -4.09 34.61
C HIS A 221 -20.92 -3.78 34.11
N GLN A 222 -21.06 -3.60 32.79
CA GLN A 222 -22.34 -3.31 32.19
C GLN A 222 -23.06 -4.61 31.85
N LYS A 223 -24.34 -4.69 32.23
CA LYS A 223 -25.11 -5.91 32.06
C LYS A 223 -26.36 -5.74 31.21
N GLU A 224 -26.77 -4.52 30.90
CA GLU A 224 -27.97 -4.27 30.11
C GLU A 224 -27.67 -3.25 29.01
N PRO A 225 -28.36 -3.35 27.87
CA PRO A 225 -28.23 -2.34 26.82
C PRO A 225 -28.90 -1.04 27.23
N PRO A 226 -28.47 0.11 26.66
CA PRO A 226 -27.35 0.18 25.73
C PRO A 226 -26.01 0.12 26.45
N PHE A 227 -25.04 -0.56 25.85
CA PHE A 227 -23.70 -0.65 26.42
C PHE A 227 -22.85 0.49 25.89
N LEU A 228 -22.12 1.14 26.79
CA LEU A 228 -21.17 2.18 26.41
C LEU A 228 -19.85 1.53 26.06
N TRP A 229 -19.47 1.62 24.78
CA TRP A 229 -18.32 0.89 24.27
C TRP A 229 -17.66 1.70 23.17
N MET A 230 -16.38 2.02 23.35
CA MET A 230 -15.55 2.63 22.30
C MET A 230 -16.15 3.91 21.74
N GLY A 231 -16.91 4.64 22.56
CA GLY A 231 -17.56 5.84 22.11
C GLY A 231 -18.89 5.64 21.42
N TYR A 232 -19.49 4.46 21.54
CA TYR A 232 -20.78 4.16 20.94
C TYR A 232 -21.75 3.68 22.00
N GLU A 233 -23.01 3.55 21.60
CA GLU A 233 -24.04 2.91 22.40
C GLU A 233 -24.50 1.66 21.67
N LEU A 234 -24.31 0.50 22.29
CA LEU A 234 -24.64 -0.78 21.68
C LEU A 234 -26.00 -1.24 22.18
N HIS A 235 -27.01 -1.13 21.33
CA HIS A 235 -28.33 -1.69 21.58
C HIS A 235 -28.37 -3.11 21.05
N PRO A 236 -29.41 -3.89 21.39
CA PRO A 236 -29.43 -5.30 20.95
C PRO A 236 -29.38 -5.48 19.44
N ASP A 237 -30.03 -4.61 18.67
CA ASP A 237 -30.09 -4.78 17.22
C ASP A 237 -29.63 -3.54 16.44
N LYS A 238 -29.01 -2.58 17.11
CA LYS A 238 -28.55 -1.38 16.43
C LYS A 238 -27.52 -0.69 17.32
N TRP A 239 -26.74 0.19 16.71
CA TRP A 239 -25.76 0.96 17.46
C TRP A 239 -25.81 2.41 16.99
N THR A 240 -25.40 3.31 17.89
CA THR A 240 -25.33 4.72 17.58
C THR A 240 -24.02 5.28 18.14
N VAL A 241 -23.61 6.41 17.61
CA VAL A 241 -22.43 7.11 18.10
C VAL A 241 -22.88 8.07 19.19
N GLN A 242 -22.04 8.23 20.21
CA GLN A 242 -22.35 9.16 21.28
C GLN A 242 -22.46 10.58 20.70
N PRO A 243 -23.30 11.43 21.30
CA PRO A 243 -23.66 12.70 20.65
C PRO A 243 -22.43 13.54 20.32
N ILE A 244 -22.45 14.12 19.12
CA ILE A 244 -21.34 14.91 18.59
C ILE A 244 -21.73 16.37 18.62
N VAL A 245 -20.94 17.19 19.30
CA VAL A 245 -21.22 18.60 19.48
C VAL A 245 -20.20 19.38 18.66
N LEU A 246 -20.65 20.04 17.60
CA LEU A 246 -19.78 20.88 16.81
C LEU A 246 -19.56 22.22 17.51
N PRO A 247 -18.42 22.87 17.25
CA PRO A 247 -18.19 24.20 17.82
C PRO A 247 -19.25 25.20 17.38
N GLU A 248 -19.37 26.28 18.14
CA GLU A 248 -20.37 27.33 17.92
C GLU A 248 -19.64 28.68 17.94
N LYS A 249 -19.00 29.01 16.83
CA LYS A 249 -18.16 30.21 16.75
C LYS A 249 -18.74 31.19 15.74
N ASP A 250 -18.31 32.45 15.88
CA ASP A 250 -18.53 33.48 14.87
C ASP A 250 -17.24 33.98 14.28
N SER A 251 -16.09 33.50 14.77
CA SER A 251 -14.76 33.96 14.36
C SER A 251 -13.84 32.74 14.49
N TRP A 252 -13.96 31.81 13.55
CA TRP A 252 -13.25 30.55 13.64
C TRP A 252 -11.74 30.75 13.53
N THR A 253 -11.00 30.11 14.43
CA THR A 253 -9.55 30.04 14.36
C THR A 253 -9.12 28.75 13.67
N VAL A 254 -7.83 28.65 13.38
CA VAL A 254 -7.30 27.42 12.78
C VAL A 254 -7.54 26.23 13.71
N ASN A 255 -7.40 26.44 15.02
CA ASN A 255 -7.68 25.37 15.97
C ASN A 255 -9.16 24.98 15.93
N ASP A 256 -10.05 25.96 15.78
CA ASP A 256 -11.48 25.66 15.68
C ASP A 256 -11.80 24.91 14.39
N ILE A 257 -11.11 25.22 13.30
CA ILE A 257 -11.34 24.51 12.05
C ILE A 257 -10.89 23.06 12.19
N CYS A 258 -9.78 22.82 12.88
CA CYS A 258 -9.31 21.46 13.10
C CYS A 258 -10.30 20.66 13.93
N LYS A 259 -10.79 21.25 15.02
CA LYS A 259 -11.78 20.56 15.84
C LYS A 259 -13.06 20.33 15.06
N LEU A 260 -13.44 21.29 14.22
CA LEU A 260 -14.64 21.14 13.40
C LEU A 260 -14.48 20.00 12.40
N VAL A 261 -13.41 20.04 11.60
CA VAL A 261 -13.17 18.99 10.61
C VAL A 261 -12.92 17.66 11.29
N GLY A 262 -12.20 17.67 12.42
CA GLY A 262 -11.95 16.43 13.14
C GLY A 262 -13.23 15.77 13.62
N LYS A 263 -14.14 16.55 14.19
CA LYS A 263 -15.41 15.99 14.63
C LYS A 263 -16.31 15.61 13.47
N LEU A 264 -16.18 16.31 12.33
CA LEU A 264 -16.94 15.92 11.15
C LEU A 264 -16.42 14.61 10.59
N ASN A 265 -15.10 14.42 10.55
CA ASN A 265 -14.53 13.16 10.12
C ASN A 265 -15.04 12.01 10.98
N TRP A 266 -15.05 12.21 12.30
CA TRP A 266 -15.57 11.19 13.21
C TRP A 266 -17.06 10.95 13.00
N ALA A 267 -17.80 11.97 12.58
CA ALA A 267 -19.23 11.82 12.36
C ALA A 267 -19.54 11.09 11.05
N SER A 268 -18.64 11.17 10.07
CA SER A 268 -18.92 10.60 8.76
C SER A 268 -19.03 9.08 8.77
N GLN A 269 -18.66 8.43 9.88
CA GLN A 269 -18.75 6.98 9.97
C GLN A 269 -20.18 6.46 10.04
N ILE A 270 -21.16 7.33 10.32
CA ILE A 270 -22.54 6.86 10.39
C ILE A 270 -23.47 7.94 9.83
N TYR A 271 -22.99 9.19 9.77
CA TYR A 271 -23.77 10.26 9.16
C TYR A 271 -23.44 10.36 7.69
N PRO A 272 -24.39 10.15 6.78
CA PRO A 272 -24.09 10.20 5.35
C PRO A 272 -24.08 11.62 4.81
N GLY A 273 -23.16 11.87 3.88
CA GLY A 273 -23.11 13.14 3.19
C GLY A 273 -22.21 14.20 3.79
N ILE A 274 -21.35 13.84 4.74
CA ILE A 274 -20.45 14.81 5.36
C ILE A 274 -19.41 15.26 4.35
N LYS A 275 -19.12 16.55 4.32
CA LYS A 275 -18.15 17.13 3.41
C LYS A 275 -17.24 18.09 4.16
N VAL A 276 -15.94 18.01 3.87
CA VAL A 276 -14.95 18.81 4.61
C VAL A 276 -13.94 19.44 3.67
N ARG A 277 -14.23 19.46 2.36
CA ARG A 277 -13.27 19.99 1.40
C ARG A 277 -13.10 21.50 1.55
N GLN A 278 -14.20 22.24 1.59
CA GLN A 278 -14.11 23.69 1.66
C GLN A 278 -13.60 24.16 3.02
N LEU A 279 -13.91 23.43 4.09
CA LEU A 279 -13.40 23.78 5.41
C LEU A 279 -11.90 23.50 5.50
N SER A 280 -11.45 22.34 5.02
CA SER A 280 -10.04 22.01 5.06
C SER A 280 -9.22 22.86 4.11
N LYS A 281 -9.84 23.42 3.07
CA LYS A 281 -9.11 24.30 2.16
C LYS A 281 -8.68 25.59 2.86
N LEU A 282 -9.43 26.02 3.87
CA LEU A 282 -9.11 27.23 4.61
C LEU A 282 -7.80 27.14 5.38
N LEU A 283 -7.23 25.96 5.52
CA LEU A 283 -6.00 25.76 6.27
C LEU A 283 -4.75 25.75 5.40
N ARG A 284 -4.90 25.80 4.08
CA ARG A 284 -3.75 25.78 3.19
C ARG A 284 -2.92 27.03 3.39
N GLY A 285 -1.75 26.89 4.01
CA GLY A 285 -0.84 27.99 4.19
C GLY A 285 -0.80 28.58 5.58
N THR A 286 -1.74 28.21 6.45
CA THR A 286 -1.75 28.76 7.80
C THR A 286 -0.56 28.25 8.60
N LYS A 287 -0.31 28.89 9.74
CA LYS A 287 0.84 28.59 10.57
C LYS A 287 0.48 28.41 12.04
N ALA A 288 -0.39 29.25 12.59
CA ALA A 288 -0.72 29.22 14.01
C ALA A 288 -2.17 28.80 14.22
N LEU A 289 -2.41 28.01 15.28
CA LEU A 289 -3.76 27.60 15.63
C LEU A 289 -4.63 28.79 16.05
N THR A 290 -4.03 29.92 16.42
CA THR A 290 -4.78 31.09 16.86
C THR A 290 -5.25 31.96 15.71
N GLU A 291 -4.76 31.74 14.49
CA GLU A 291 -5.13 32.57 13.35
C GLU A 291 -6.62 32.48 13.08
N VAL A 292 -7.32 33.60 13.20
CA VAL A 292 -8.73 33.66 12.84
C VAL A 292 -8.84 33.62 11.32
N ILE A 293 -9.46 32.57 10.80
CA ILE A 293 -9.61 32.37 9.36
C ILE A 293 -11.04 32.71 8.97
N PRO A 294 -11.27 33.68 8.09
CA PRO A 294 -12.64 33.98 7.65
C PRO A 294 -13.14 32.88 6.71
N LEU A 295 -14.35 32.41 6.98
CA LEU A 295 -14.94 31.32 6.20
C LEU A 295 -15.43 31.84 4.85
N THR A 296 -15.05 31.14 3.78
CA THR A 296 -15.58 31.49 2.46
C THR A 296 -17.05 31.12 2.37
N GLU A 297 -17.72 31.67 1.35
CA GLU A 297 -19.15 31.47 1.22
C GLU A 297 -19.50 30.00 1.06
N GLU A 298 -18.71 29.26 0.28
CA GLU A 298 -18.96 27.83 0.12
C GLU A 298 -18.48 27.03 1.33
N ALA A 299 -17.50 27.54 2.07
CA ALA A 299 -17.13 26.90 3.32
C ALA A 299 -18.22 27.07 4.37
N GLU A 300 -18.81 28.28 4.46
CA GLU A 300 -19.94 28.48 5.35
C GLU A 300 -21.15 27.72 4.87
N LEU A 301 -21.31 27.55 3.56
CA LEU A 301 -22.38 26.73 3.03
C LEU A 301 -22.13 25.25 3.33
N GLU A 302 -20.88 24.82 3.24
CA GLU A 302 -20.54 23.44 3.56
C GLU A 302 -20.78 23.13 5.03
N LEU A 303 -20.46 24.09 5.91
CA LEU A 303 -20.73 23.91 7.34
C LEU A 303 -22.23 23.84 7.60
N ALA A 304 -23.01 24.66 6.90
CA ALA A 304 -24.45 24.73 7.15
C ALA A 304 -25.15 23.42 6.80
N GLU A 305 -24.78 22.80 5.68
CA GLU A 305 -25.41 21.54 5.29
C GLU A 305 -24.91 20.36 6.12
N ASN A 306 -23.70 20.45 6.69
CA ASN A 306 -23.28 19.42 7.64
C ASN A 306 -24.10 19.48 8.91
N ARG A 307 -24.37 20.69 9.42
CA ARG A 307 -25.18 20.84 10.62
C ARG A 307 -26.56 20.21 10.43
N GLU A 308 -27.13 20.35 9.23
CA GLU A 308 -28.44 19.77 8.97
C GLU A 308 -28.39 18.24 8.95
N ILE A 309 -27.25 17.68 8.52
CA ILE A 309 -27.10 16.23 8.53
C ILE A 309 -27.02 15.72 9.96
N LEU A 310 -26.31 16.45 10.84
CA LEU A 310 -26.12 15.99 12.21
C LEU A 310 -27.38 16.09 13.05
N LYS A 311 -28.32 16.97 12.68
CA LYS A 311 -29.56 17.08 13.43
C LYS A 311 -30.52 15.92 13.18
N GLU A 312 -30.23 15.06 12.18
CA GLU A 312 -31.08 13.90 11.91
C GLU A 312 -30.68 12.73 12.79
N PRO A 313 -31.64 11.92 13.24
CA PRO A 313 -31.30 10.72 14.01
C PRO A 313 -30.77 9.63 13.08
N VAL A 314 -29.67 9.00 13.48
CA VAL A 314 -29.02 8.00 12.66
C VAL A 314 -28.46 6.90 13.55
N HIS A 315 -28.38 5.69 12.99
CA HIS A 315 -27.85 4.55 13.71
C HIS A 315 -27.30 3.55 12.71
N GLY A 316 -26.49 2.62 13.21
CA GLY A 316 -25.97 1.53 12.41
C GLY A 316 -26.53 0.19 12.88
N VAL A 317 -26.23 -0.83 12.08
CA VAL A 317 -26.63 -2.19 12.40
C VAL A 317 -25.37 -3.05 12.50
N TYR A 318 -25.54 -4.29 12.93
CA TYR A 318 -24.45 -5.22 13.13
C TYR A 318 -24.26 -6.12 11.92
N TYR A 319 -23.10 -6.78 11.88
CA TYR A 319 -22.69 -7.54 10.70
C TYR A 319 -23.27 -8.95 10.74
N ASP A 320 -23.90 -9.35 9.64
CA ASP A 320 -24.38 -10.72 9.45
C ASP A 320 -23.51 -11.38 8.39
N PRO A 321 -22.61 -12.29 8.77
CA PRO A 321 -21.70 -12.88 7.77
C PRO A 321 -22.40 -13.70 6.69
N SER A 322 -23.64 -14.12 6.92
CA SER A 322 -24.35 -14.92 5.92
C SER A 322 -24.88 -14.10 4.75
N LYS A 323 -24.82 -12.77 4.84
CA LYS A 323 -25.25 -11.90 3.75
C LYS A 323 -24.06 -11.12 3.21
N ASP A 324 -24.22 -10.58 2.00
CA ASP A 324 -23.13 -9.90 1.33
C ASP A 324 -22.97 -8.47 1.85
N LEU A 325 -21.75 -7.96 1.69
CA LEU A 325 -21.45 -6.56 1.94
C LEU A 325 -21.70 -5.77 0.67
N ILE A 326 -22.50 -4.71 0.77
CA ILE A 326 -22.80 -3.83 -0.35
C ILE A 326 -22.32 -2.44 -0.01
N ALA A 327 -21.49 -1.87 -0.88
CA ALA A 327 -21.03 -0.50 -0.75
C ALA A 327 -21.57 0.31 -1.92
N GLU A 328 -22.25 1.41 -1.60
CA GLU A 328 -22.80 2.32 -2.60
C GLU A 328 -22.10 3.68 -2.44
N ILE A 329 -21.59 4.21 -3.55
CA ILE A 329 -20.83 5.46 -3.55
C ILE A 329 -21.66 6.54 -4.22
N GLN A 330 -21.73 7.71 -3.57
CA GLN A 330 -22.42 8.87 -4.10
C GLN A 330 -21.39 9.96 -4.38
N LYS A 331 -21.46 10.54 -5.58
CA LYS A 331 -20.53 11.59 -5.95
C LYS A 331 -20.96 12.93 -5.37
N GLN A 332 -20.04 13.59 -4.68
CA GLN A 332 -20.20 14.96 -4.23
C GLN A 332 -19.34 15.87 -5.09
N GLY A 333 -19.43 17.17 -4.84
CA GLY A 333 -18.72 18.12 -5.66
C GLY A 333 -17.24 18.20 -5.33
N GLN A 334 -16.45 18.56 -6.34
CA GLN A 334 -15.03 18.92 -6.20
C GLN A 334 -14.23 17.80 -5.52
N GLY A 335 -14.22 16.64 -6.16
CA GLY A 335 -13.44 15.52 -5.67
C GLY A 335 -13.85 15.04 -4.30
N GLN A 336 -15.13 15.10 -3.98
CA GLN A 336 -15.67 14.59 -2.71
C GLN A 336 -16.58 13.40 -2.98
N TRP A 337 -16.48 12.39 -2.14
CA TRP A 337 -17.23 11.16 -2.33
C TRP A 337 -17.71 10.65 -0.98
N THR A 338 -18.99 10.36 -0.88
CA THR A 338 -19.55 9.73 0.31
C THR A 338 -20.08 8.35 -0.07
N TYR A 339 -20.15 7.46 0.93
CA TYR A 339 -20.58 6.10 0.66
C TYR A 339 -21.30 5.53 1.86
N GLN A 340 -22.10 4.49 1.59
CA GLN A 340 -22.82 3.75 2.61
C GLN A 340 -22.55 2.27 2.40
N ILE A 341 -22.28 1.54 3.48
CA ILE A 341 -22.06 0.10 3.44
C ILE A 341 -23.20 -0.56 4.20
N TYR A 342 -23.84 -1.54 3.56
CA TYR A 342 -25.02 -2.17 4.13
C TYR A 342 -25.16 -3.57 3.56
N GLN A 343 -26.04 -4.36 4.19
CA GLN A 343 -26.38 -5.69 3.72
C GLN A 343 -27.85 -5.82 3.34
N GLU A 344 -28.73 -5.04 3.98
CA GLU A 344 -30.15 -4.93 3.74
C GLU A 344 -30.47 -3.48 3.37
N PRO A 345 -31.33 -3.26 2.38
CA PRO A 345 -31.55 -1.88 1.91
C PRO A 345 -32.03 -0.96 3.03
N PHE A 346 -31.43 0.23 3.07
CA PHE A 346 -31.76 1.27 4.06
C PHE A 346 -31.52 0.77 5.49
N LYS A 347 -30.46 -0.03 5.67
CA LYS A 347 -29.98 -0.48 6.97
C LYS A 347 -28.45 -0.43 6.93
N ASN A 348 -27.90 0.78 7.01
CA ASN A 348 -26.45 0.96 6.91
C ASN A 348 -25.73 0.26 8.05
N LEU A 349 -24.71 -0.53 7.71
CA LEU A 349 -23.73 -0.93 8.71
C LEU A 349 -22.95 0.27 9.20
N LYS A 350 -22.41 1.04 8.26
CA LYS A 350 -21.74 2.30 8.56
C LYS A 350 -21.71 3.10 7.26
N THR A 351 -21.26 4.35 7.38
CA THR A 351 -21.03 5.19 6.22
C THR A 351 -19.59 5.68 6.25
N GLY A 352 -19.26 6.55 5.30
CA GLY A 352 -17.93 7.10 5.25
C GLY A 352 -17.85 8.11 4.13
N LYS A 353 -16.67 8.71 4.01
CA LYS A 353 -16.42 9.69 2.97
C LYS A 353 -15.02 9.51 2.43
N TYR A 354 -14.80 10.08 1.24
CA TYR A 354 -13.49 10.09 0.63
C TYR A 354 -13.35 11.39 -0.15
N ALA A 355 -12.25 12.11 0.07
CA ALA A 355 -12.02 13.35 -0.65
C ALA A 355 -10.54 13.68 -0.78
N ARG A 356 -9.67 12.68 -0.66
CA ARG A 356 -8.23 12.93 -0.74
C ARG A 356 -7.84 13.25 -2.18
N MET A 357 -7.25 14.42 -2.38
CA MET A 357 -6.83 14.84 -3.70
C MET A 357 -5.46 14.22 -4.00
N ARG A 358 -5.44 13.29 -4.94
CA ARG A 358 -4.22 12.65 -5.41
C ARG A 358 -3.86 13.18 -6.79
N GLY A 359 -2.58 13.46 -6.99
CA GLY A 359 -2.11 13.94 -8.29
C GLY A 359 -2.45 15.38 -8.58
N ALA A 360 -1.58 16.04 -9.36
CA ALA A 360 -1.87 17.41 -9.78
C ALA A 360 -3.06 17.45 -10.72
N HIS A 361 -3.22 16.43 -11.56
CA HIS A 361 -4.29 16.38 -12.55
C HIS A 361 -4.98 15.02 -12.47
N THR A 362 -6.31 15.04 -12.45
CA THR A 362 -7.08 13.81 -12.31
C THR A 362 -8.47 14.04 -12.88
N ASN A 363 -9.24 12.96 -12.98
CA ASN A 363 -10.63 13.03 -13.42
C ASN A 363 -11.51 12.25 -12.44
N ASP A 364 -12.82 12.31 -12.68
CA ASP A 364 -13.77 11.69 -11.76
C ASP A 364 -13.67 10.18 -11.75
N VAL A 365 -13.21 9.57 -12.85
CA VAL A 365 -13.09 8.11 -12.88
C VAL A 365 -11.90 7.65 -12.05
N LYS A 366 -10.77 8.37 -12.14
CA LYS A 366 -9.62 8.07 -11.30
C LYS A 366 -9.99 8.14 -9.82
N GLN A 367 -10.68 9.21 -9.42
CA GLN A 367 -11.04 9.37 -8.02
C GLN A 367 -11.99 8.29 -7.56
N LEU A 368 -12.98 7.93 -8.39
CA LEU A 368 -13.89 6.85 -8.03
C LEU A 368 -13.13 5.55 -7.83
N THR A 369 -12.16 5.27 -8.69
CA THR A 369 -11.32 4.08 -8.49
C THR A 369 -10.57 4.15 -7.17
N GLU A 370 -10.05 5.34 -6.82
CA GLU A 370 -9.35 5.48 -5.55
C GLU A 370 -10.28 5.30 -4.36
N ALA A 371 -11.51 5.79 -4.47
CA ALA A 371 -12.48 5.59 -3.40
C ALA A 371 -12.84 4.12 -3.26
N VAL A 372 -12.94 3.40 -4.37
CA VAL A 372 -13.22 1.96 -4.32
C VAL A 372 -12.08 1.22 -3.63
N GLN A 373 -10.84 1.62 -3.93
CA GLN A 373 -9.69 0.99 -3.28
C GLN A 373 -9.67 1.26 -1.79
N LYS A 374 -10.04 2.49 -1.38
CA LYS A 374 -10.05 2.81 0.03
C LYS A 374 -11.15 2.07 0.77
N ILE A 375 -12.35 1.99 0.17
CA ILE A 375 -13.44 1.25 0.79
C ILE A 375 -13.13 -0.24 0.86
N THR A 376 -12.43 -0.77 -0.14
CA THR A 376 -12.08 -2.19 -0.14
C THR A 376 -11.13 -2.51 1.00
N THR A 377 -10.04 -1.74 1.12
CA THR A 377 -9.10 -1.97 2.21
C THR A 377 -9.76 -1.79 3.57
N GLU A 378 -10.57 -0.73 3.71
CA GLU A 378 -11.27 -0.50 4.96
C GLU A 378 -12.25 -1.63 5.27
N SER A 379 -12.86 -2.23 4.23
CA SER A 379 -13.76 -3.36 4.43
C SER A 379 -13.01 -4.61 4.87
N ILE A 380 -11.80 -4.82 4.36
CA ILE A 380 -11.04 -6.01 4.74
C ILE A 380 -10.64 -5.94 6.22
N VAL A 381 -10.41 -4.73 6.72
CA VAL A 381 -10.06 -4.57 8.13
C VAL A 381 -11.26 -4.88 9.02
N ILE A 382 -12.42 -4.31 8.69
CA ILE A 382 -13.58 -4.42 9.58
C ILE A 382 -14.25 -5.78 9.45
N TRP A 383 -14.38 -6.30 8.23
CA TRP A 383 -15.12 -7.51 7.99
C TRP A 383 -14.30 -8.66 7.43
N GLY A 384 -13.09 -8.41 6.94
CA GLY A 384 -12.28 -9.47 6.39
C GLY A 384 -12.61 -9.87 4.97
N LYS A 385 -13.45 -9.11 4.28
CA LYS A 385 -13.80 -9.39 2.89
C LYS A 385 -14.08 -8.09 2.17
N THR A 386 -14.11 -8.17 0.88
CA THR A 386 -14.41 -7.12 -0.09
C THR A 386 -15.92 -7.03 -0.31
N PRO A 387 -16.48 -5.82 -0.33
CA PRO A 387 -17.91 -5.68 -0.58
C PRO A 387 -18.22 -5.66 -2.07
N LYS A 388 -19.47 -5.97 -2.39
CA LYS A 388 -20.00 -5.71 -3.72
C LYS A 388 -20.35 -4.24 -3.84
N PHE A 389 -19.98 -3.64 -4.96
CA PHE A 389 -20.10 -2.19 -5.12
C PHE A 389 -21.31 -1.82 -5.98
N LYS A 390 -21.84 -0.63 -5.71
CA LYS A 390 -22.90 -0.01 -6.50
C LYS A 390 -22.43 1.39 -6.85
N LEU A 391 -22.11 1.61 -8.13
CA LEU A 391 -21.39 2.81 -8.51
C LEU A 391 -22.21 3.64 -9.50
N PRO A 392 -22.17 4.97 -9.40
CA PRO A 392 -22.88 5.86 -10.33
C PRO A 392 -22.11 6.13 -11.62
N ILE A 393 -21.61 5.06 -12.24
CA ILE A 393 -20.84 5.16 -13.47
C ILE A 393 -21.36 4.10 -14.44
N GLN A 394 -21.61 4.51 -15.69
CA GLN A 394 -22.08 3.58 -16.69
C GLN A 394 -21.02 2.51 -16.97
N LYS A 395 -21.49 1.31 -17.30
CA LYS A 395 -20.57 0.24 -17.68
C LYS A 395 -19.76 0.63 -18.91
N GLU A 396 -20.37 1.35 -19.85
CA GLU A 396 -19.65 1.77 -21.04
C GLU A 396 -18.58 2.80 -20.70
N THR A 397 -18.87 3.70 -19.76
CA THR A 397 -17.88 4.68 -19.34
C THR A 397 -16.64 4.00 -18.77
N TRP A 398 -16.83 3.00 -17.92
CA TRP A 398 -15.69 2.27 -17.37
C TRP A 398 -14.95 1.49 -18.45
N GLU A 399 -15.69 0.87 -19.38
CA GLU A 399 -15.06 0.18 -20.49
C GLU A 399 -14.20 1.13 -21.32
N THR A 400 -14.71 2.34 -21.58
CA THR A 400 -13.95 3.32 -22.34
C THR A 400 -12.68 3.74 -21.60
N TRP A 401 -12.76 3.87 -20.27
CA TRP A 401 -11.63 4.39 -19.52
C TRP A 401 -10.48 3.38 -19.44
N TRP A 402 -10.77 2.15 -19.02
CA TRP A 402 -9.72 1.16 -18.88
C TRP A 402 -9.20 0.67 -20.23
N THR A 403 -9.89 0.97 -21.32
CA THR A 403 -9.38 0.64 -22.65
C THR A 403 -8.21 1.54 -23.02
N GLU A 404 -8.40 2.85 -22.90
CA GLU A 404 -7.42 3.83 -23.35
C GLU A 404 -6.35 4.13 -22.31
N TYR A 405 -6.68 4.04 -21.02
CA TYR A 405 -5.72 4.39 -19.98
C TYR A 405 -4.56 3.39 -19.97
N TRP A 406 -3.34 3.92 -19.89
CA TRP A 406 -2.15 3.08 -19.99
C TRP A 406 -1.83 2.32 -18.71
N GLN A 407 -2.37 2.74 -17.57
CA GLN A 407 -2.10 2.04 -16.33
C GLN A 407 -3.07 0.87 -16.14
N ALA A 408 -2.62 -0.11 -15.35
CA ALA A 408 -3.51 -1.17 -14.91
C ALA A 408 -4.48 -0.61 -13.87
N THR A 409 -5.77 -0.69 -14.16
CA THR A 409 -6.80 -0.24 -13.24
C THR A 409 -7.97 -1.22 -13.29
N TRP A 410 -8.61 -1.41 -12.14
CA TRP A 410 -9.65 -2.42 -12.03
C TRP A 410 -10.57 -2.10 -10.86
N ILE A 411 -11.85 -2.43 -11.02
CA ILE A 411 -12.85 -2.28 -9.98
C ILE A 411 -13.50 -3.64 -9.76
N PRO A 412 -13.65 -4.10 -8.51
CA PRO A 412 -14.29 -5.40 -8.27
C PRO A 412 -15.76 -5.43 -8.69
N GLU A 413 -16.43 -6.55 -8.47
CA GLU A 413 -17.81 -6.75 -8.93
C GLU A 413 -18.68 -5.57 -8.55
N TRP A 414 -19.30 -4.95 -9.55
CA TRP A 414 -20.06 -3.74 -9.29
C TRP A 414 -21.20 -3.61 -10.29
N GLU A 415 -22.27 -2.97 -9.85
CA GLU A 415 -23.48 -2.75 -10.63
C GLU A 415 -23.76 -1.26 -10.69
N PHE A 416 -24.24 -0.79 -11.85
CA PHE A 416 -24.51 0.62 -12.03
C PHE A 416 -25.76 1.03 -11.27
N VAL A 417 -25.74 2.24 -10.70
CA VAL A 417 -26.89 2.81 -10.02
C VAL A 417 -27.08 4.25 -10.52
N ASN A 418 -28.31 4.59 -10.86
CA ASN A 418 -28.63 5.93 -11.38
C ASN A 418 -28.86 6.87 -10.21
N THR A 419 -27.76 7.33 -9.61
CA THR A 419 -27.79 8.34 -8.56
C THR A 419 -26.90 9.49 -9.00
N PRO A 420 -27.43 10.45 -9.77
CA PRO A 420 -26.68 11.63 -10.23
C PRO A 420 -26.12 12.44 -9.05
N PRO A 421 -25.03 13.17 -9.28
CA PRO A 421 -24.31 13.31 -10.55
C PRO A 421 -23.52 12.06 -10.97
N LEU A 422 -23.77 11.59 -12.20
CA LEU A 422 -23.10 10.41 -12.70
C LEU A 422 -21.65 10.72 -13.05
N VAL A 423 -20.81 9.69 -12.97
CA VAL A 423 -19.40 9.80 -13.32
C VAL A 423 -19.26 9.50 -14.81
N LYS A 424 -18.67 10.43 -15.54
CA LYS A 424 -18.44 10.23 -16.96
C LYS A 424 -17.18 10.98 -17.39
N LEU A 425 -16.70 10.63 -18.58
CA LEU A 425 -15.57 11.31 -19.19
C LEU A 425 -16.07 12.51 -19.99
N TRP A 426 -15.51 13.69 -19.70
CA TRP A 426 -16.04 14.92 -20.28
C TRP A 426 -15.54 15.17 -21.69
N TYR A 427 -14.49 14.50 -22.12
CA TYR A 427 -14.05 14.57 -23.51
C TYR A 427 -13.28 13.30 -23.83
N GLN A 428 -12.99 13.11 -25.12
CA GLN A 428 -12.24 11.96 -25.59
C GLN A 428 -11.33 12.41 -26.73
N LEU A 429 -10.08 11.97 -26.67
CA LEU A 429 -9.14 12.24 -27.74
C LEU A 429 -9.31 11.23 -28.87
N GLU A 430 -9.25 11.71 -30.10
CA GLU A 430 -9.38 10.82 -31.25
C GLU A 430 -8.19 9.87 -31.33
N LYS A 431 -8.44 8.68 -31.87
CA LYS A 431 -7.39 7.71 -32.09
C LYS A 431 -6.70 7.87 -33.44
N GLU A 432 -7.32 8.60 -34.37
CA GLU A 432 -6.80 8.82 -35.71
C GLU A 432 -6.87 10.29 -36.05
N PRO A 433 -6.01 10.77 -36.94
CA PRO A 433 -6.10 12.18 -37.36
C PRO A 433 -7.44 12.48 -38.02
N ILE A 434 -7.87 13.73 -37.89
CA ILE A 434 -9.21 14.15 -38.31
C ILE A 434 -9.11 14.76 -39.70
N VAL A 435 -9.86 14.20 -40.65
CA VAL A 435 -9.94 14.78 -41.98
C VAL A 435 -10.75 16.07 -41.93
N GLY A 436 -10.23 17.12 -42.54
CA GLY A 436 -10.92 18.40 -42.58
C GLY A 436 -10.70 19.28 -41.38
N ALA A 437 -9.91 18.85 -40.41
CA ALA A 437 -9.55 19.65 -39.25
C ALA A 437 -8.17 20.23 -39.44
N GLU A 438 -8.02 21.50 -39.10
CA GLU A 438 -6.74 22.18 -39.26
C GLU A 438 -5.67 21.53 -38.40
N THR A 439 -4.46 21.42 -38.93
CA THR A 439 -3.36 20.78 -38.24
C THR A 439 -2.46 21.83 -37.63
N PHE A 440 -2.34 21.82 -36.30
CA PHE A 440 -1.52 22.76 -35.56
C PHE A 440 -0.23 22.08 -35.13
N TYR A 441 0.90 22.73 -35.40
CA TYR A 441 2.19 22.32 -34.88
C TYR A 441 2.56 23.30 -33.77
N VAL A 442 2.49 22.84 -32.53
CA VAL A 442 2.70 23.70 -31.37
C VAL A 442 4.09 23.43 -30.80
N ASP A 443 4.65 24.45 -30.15
CA ASP A 443 5.94 24.29 -29.49
C ASP A 443 6.13 25.44 -28.52
N GLY A 444 6.97 25.18 -27.51
CA GLY A 444 7.35 26.21 -26.56
C GLY A 444 8.82 26.07 -26.21
N ALA A 445 9.38 27.18 -25.74
CA ALA A 445 10.77 27.20 -25.32
C ALA A 445 10.93 28.29 -24.26
N ALA A 446 11.65 27.97 -23.19
CA ALA A 446 11.89 28.90 -22.11
C ALA A 446 13.38 28.96 -21.80
N ASN A 447 13.82 30.11 -21.29
CA ASN A 447 15.21 30.33 -20.93
C ASN A 447 15.38 30.08 -19.44
N ARG A 448 16.26 29.14 -19.09
CA ARG A 448 16.43 28.75 -17.69
C ARG A 448 16.87 29.93 -16.83
N GLU A 449 17.74 30.79 -17.36
CA GLU A 449 18.26 31.91 -16.59
C GLU A 449 17.21 33.01 -16.43
N THR A 450 16.81 33.62 -17.54
CA THR A 450 15.95 34.80 -17.52
C THR A 450 14.48 34.49 -17.23
N LYS A 451 14.09 33.21 -17.28
CA LYS A 451 12.71 32.77 -17.13
C LYS A 451 11.77 33.29 -18.22
N LEU A 452 12.33 33.90 -19.27
CA LEU A 452 11.52 34.33 -20.41
C LEU A 452 11.22 33.14 -21.31
N GLY A 453 10.04 33.17 -21.92
CA GLY A 453 9.62 32.07 -22.76
C GLY A 453 8.79 32.53 -23.94
N LYS A 454 8.51 31.58 -24.82
CA LYS A 454 7.66 31.82 -25.97
C LYS A 454 6.85 30.56 -26.26
N ALA A 455 5.60 30.75 -26.65
CA ALA A 455 4.75 29.65 -27.07
C ALA A 455 4.00 30.08 -28.32
N GLY A 456 3.69 29.11 -29.17
CA GLY A 456 2.96 29.42 -30.37
C GLY A 456 2.71 28.19 -31.21
N TYR A 457 2.29 28.43 -32.45
CA TYR A 457 1.95 27.36 -33.36
C TYR A 457 2.17 27.81 -34.80
N VAL A 458 2.26 26.83 -35.69
CA VAL A 458 2.09 27.03 -37.13
C VAL A 458 1.06 26.00 -37.59
N THR A 459 0.27 26.39 -38.58
CA THR A 459 -0.76 25.50 -39.11
C THR A 459 -0.50 25.22 -40.58
N ASN A 460 -1.05 24.10 -41.05
CA ASN A 460 -0.92 23.75 -42.46
C ASN A 460 -1.68 24.72 -43.36
N ARG A 461 -2.58 25.51 -42.80
CA ARG A 461 -3.33 26.52 -43.57
C ARG A 461 -2.66 27.88 -43.51
N GLY A 462 -1.41 27.96 -43.09
CA GLY A 462 -0.63 29.18 -43.18
C GLY A 462 -0.70 30.10 -41.98
N ARG A 463 -1.42 29.72 -40.93
CA ARG A 463 -1.54 30.57 -39.76
C ARG A 463 -0.38 30.33 -38.80
N GLN A 464 0.12 31.40 -38.18
CA GLN A 464 1.13 31.28 -37.16
C GLN A 464 0.92 32.38 -36.13
N LYS A 465 1.24 32.07 -34.88
CA LYS A 465 1.12 33.01 -33.78
C LYS A 465 2.19 32.67 -32.75
N VAL A 466 2.80 33.71 -32.17
CA VAL A 466 3.80 33.53 -31.12
C VAL A 466 3.45 34.46 -29.97
N VAL A 467 3.43 33.91 -28.76
CA VAL A 467 3.08 34.63 -27.54
C VAL A 467 4.28 34.60 -26.61
N THR A 468 4.63 35.77 -26.06
CA THR A 468 5.73 35.87 -25.11
C THR A 468 5.23 35.64 -23.70
N LEU A 469 6.07 35.01 -22.89
CA LEU A 469 5.73 34.66 -21.52
C LEU A 469 6.84 35.10 -20.57
N THR A 470 6.47 35.37 -19.32
CA THR A 470 7.40 35.75 -18.27
C THR A 470 7.25 34.81 -17.09
N ASP A 471 8.36 34.56 -16.39
CA ASP A 471 8.38 33.70 -15.21
C ASP A 471 7.80 32.33 -15.51
N THR A 472 8.25 31.73 -16.60
CA THR A 472 7.70 30.48 -17.09
C THR A 472 8.79 29.41 -17.12
N THR A 473 8.38 28.20 -17.50
CA THR A 473 9.28 27.07 -17.64
C THR A 473 9.07 26.47 -19.02
N ASN A 474 10.00 25.60 -19.42
CA ASN A 474 9.84 24.89 -20.69
C ASN A 474 8.53 24.11 -20.70
N GLN A 475 8.24 23.41 -19.61
CA GLN A 475 7.02 22.61 -19.54
C GLN A 475 5.77 23.49 -19.64
N LYS A 476 5.81 24.68 -19.04
CA LYS A 476 4.65 25.57 -19.10
C LYS A 476 4.45 26.13 -20.52
N THR A 477 5.54 26.53 -21.19
CA THR A 477 5.40 27.04 -22.55
C THR A 477 4.82 25.99 -23.48
N GLU A 478 5.14 24.71 -23.24
CA GLU A 478 4.55 23.64 -24.04
C GLU A 478 3.04 23.53 -23.79
N LEU A 479 2.61 23.74 -22.55
CA LEU A 479 1.17 23.73 -22.27
C LEU A 479 0.50 25.01 -22.76
N GLN A 480 1.20 26.15 -22.65
CA GLN A 480 0.66 27.40 -23.19
C GLN A 480 0.49 27.31 -24.70
N ALA A 481 1.38 26.60 -25.38
CA ALA A 481 1.27 26.45 -26.83
C ALA A 481 0.06 25.60 -27.20
N ILE A 482 -0.17 24.50 -26.49
CA ILE A 482 -1.35 23.69 -26.74
C ILE A 482 -2.62 24.49 -26.46
N TYR A 483 -2.63 25.19 -25.32
CA TYR A 483 -3.78 26.05 -24.98
C TYR A 483 -4.02 27.10 -26.05
N LEU A 484 -2.96 27.66 -26.61
CA LEU A 484 -3.10 28.65 -27.67
C LEU A 484 -3.73 28.03 -28.91
N ALA A 485 -3.29 26.82 -29.28
CA ALA A 485 -3.85 26.16 -30.46
C ALA A 485 -5.33 25.84 -30.27
N LEU A 486 -5.71 25.42 -29.06
CA LEU A 486 -7.11 25.12 -28.79
C LEU A 486 -7.97 26.37 -28.90
N GLN A 487 -7.46 27.51 -28.43
CA GLN A 487 -8.24 28.74 -28.47
C GLN A 487 -8.51 29.20 -29.90
N ASP A 488 -7.51 29.08 -30.77
CA ASP A 488 -7.57 29.66 -32.11
C ASP A 488 -8.00 28.68 -33.18
N SER A 489 -8.54 27.53 -32.80
CA SER A 489 -8.97 26.53 -33.75
C SER A 489 -10.48 26.36 -33.70
N GLY A 490 -11.00 25.61 -34.67
CA GLY A 490 -12.42 25.32 -34.73
C GLY A 490 -12.80 24.18 -33.80
N LEU A 491 -14.02 23.68 -34.01
CA LEU A 491 -14.54 22.60 -33.18
C LEU A 491 -13.82 21.27 -33.41
N GLU A 492 -13.02 21.16 -34.46
CA GLU A 492 -12.26 19.95 -34.74
C GLU A 492 -10.83 20.35 -35.10
N VAL A 493 -9.84 19.73 -34.46
CA VAL A 493 -8.46 20.19 -34.58
C VAL A 493 -7.51 19.02 -34.39
N ASN A 494 -6.45 18.99 -35.21
CA ASN A 494 -5.31 18.12 -35.02
C ASN A 494 -4.17 18.94 -34.44
N ILE A 495 -3.57 18.44 -33.36
CA ILE A 495 -2.45 19.12 -32.71
C ILE A 495 -1.27 18.17 -32.67
N VAL A 496 -0.11 18.67 -33.10
CA VAL A 496 1.14 17.92 -33.04
C VAL A 496 2.05 18.63 -32.06
N THR A 497 2.53 17.90 -31.06
CA THR A 497 3.39 18.45 -30.03
C THR A 497 4.66 17.61 -29.93
N ASP A 498 5.72 18.22 -29.42
CA ASP A 498 6.96 17.51 -29.14
C ASP A 498 7.15 17.24 -27.66
N SER A 499 6.18 17.61 -26.82
CA SER A 499 6.30 17.53 -25.37
C SER A 499 5.56 16.29 -24.87
N GLN A 500 6.30 15.28 -24.45
CA GLN A 500 5.66 14.12 -23.84
C GLN A 500 5.13 14.42 -22.45
N TYR A 501 5.65 15.46 -21.79
CA TYR A 501 5.06 15.92 -20.55
C TYR A 501 3.63 16.39 -20.77
N ALA A 502 3.42 17.29 -21.72
CA ALA A 502 2.06 17.77 -22.01
C ALA A 502 1.20 16.67 -22.60
N LEU A 503 1.80 15.77 -23.39
CA LEU A 503 1.03 14.67 -23.96
C LEU A 503 0.54 13.72 -22.88
N GLY A 504 1.39 13.44 -21.88
CA GLY A 504 0.99 12.52 -20.83
C GLY A 504 -0.14 13.05 -19.98
N ILE A 505 -0.14 14.36 -19.73
CA ILE A 505 -1.21 14.96 -18.95
C ILE A 505 -2.53 14.88 -19.71
N ILE A 506 -2.51 15.24 -21.00
CA ILE A 506 -3.77 15.37 -21.73
C ILE A 506 -4.35 14.01 -22.10
N GLN A 507 -3.52 13.00 -22.36
CA GLN A 507 -4.04 11.69 -22.69
C GLN A 507 -4.74 11.02 -21.50
N ALA A 508 -4.40 11.42 -20.27
CA ALA A 508 -5.08 10.89 -19.10
C ALA A 508 -6.46 11.51 -18.91
N GLN A 509 -6.86 12.43 -19.77
CA GLN A 509 -8.19 13.04 -19.76
C GLN A 509 -8.59 13.60 -18.40
N PRO A 510 -7.84 14.57 -17.87
CA PRO A 510 -8.24 15.20 -16.62
C PRO A 510 -9.40 16.15 -16.83
N ASP A 511 -10.26 16.23 -15.82
CA ASP A 511 -11.29 17.25 -15.76
C ASP A 511 -11.05 18.24 -14.62
N GLN A 512 -10.00 18.06 -13.85
CA GLN A 512 -9.66 18.96 -12.76
C GLN A 512 -8.15 18.91 -12.53
N SER A 513 -7.58 20.05 -12.16
CA SER A 513 -6.14 20.17 -11.98
C SER A 513 -5.85 21.26 -10.96
N GLU A 514 -4.68 21.15 -10.32
CA GLU A 514 -4.22 22.23 -9.46
C GLU A 514 -3.70 23.42 -10.26
N SER A 515 -3.37 23.21 -11.54
CA SER A 515 -2.85 24.26 -12.40
C SER A 515 -3.98 24.96 -13.11
N GLU A 516 -3.97 26.30 -13.08
CA GLU A 516 -5.00 27.07 -13.78
C GLU A 516 -4.84 26.93 -15.29
N LEU A 517 -3.59 26.87 -15.77
CA LEU A 517 -3.36 26.67 -17.20
C LEU A 517 -3.98 25.36 -17.68
N VAL A 518 -3.78 24.28 -16.92
CA VAL A 518 -4.35 23.00 -17.30
C VAL A 518 -5.87 23.05 -17.25
N ASN A 519 -6.42 23.76 -16.25
CA ASN A 519 -7.87 23.91 -16.18
C ASN A 519 -8.41 24.66 -17.40
N GLN A 520 -7.72 25.71 -17.83
CA GLN A 520 -8.13 26.40 -19.05
C GLN A 520 -8.02 25.49 -20.27
N ILE A 521 -7.05 24.58 -20.27
CA ILE A 521 -6.94 23.62 -21.37
C ILE A 521 -8.08 22.61 -21.32
N ILE A 522 -8.44 22.16 -20.12
CA ILE A 522 -9.55 21.22 -19.99
C ILE A 522 -10.85 21.84 -20.50
N GLU A 523 -11.10 23.11 -20.15
CA GLU A 523 -12.33 23.76 -20.58
C GLU A 523 -12.42 23.84 -22.09
N GLN A 524 -11.29 24.09 -22.75
CA GLN A 524 -11.28 24.10 -24.21
C GLN A 524 -11.57 22.71 -24.78
N LEU A 525 -10.95 21.67 -24.20
CA LEU A 525 -11.15 20.31 -24.69
C LEU A 525 -12.60 19.87 -24.58
N ILE A 526 -13.30 20.32 -23.55
CA ILE A 526 -14.70 19.94 -23.38
C ILE A 526 -15.56 20.60 -24.45
N LYS A 527 -15.24 21.83 -24.82
CA LYS A 527 -16.00 22.54 -25.84
C LYS A 527 -15.77 21.99 -27.24
N LYS A 528 -14.62 21.33 -27.47
CA LYS A 528 -14.33 20.80 -28.79
C LYS A 528 -15.19 19.59 -29.11
N GLU A 529 -15.38 19.33 -30.39
CA GLU A 529 -16.08 18.12 -30.83
C GLU A 529 -15.13 16.98 -31.16
N LYS A 530 -13.97 17.28 -31.73
CA LYS A 530 -12.96 16.27 -32.03
C LYS A 530 -11.58 16.88 -31.84
N VAL A 531 -10.75 16.22 -31.03
CA VAL A 531 -9.36 16.61 -30.84
C VAL A 531 -8.49 15.39 -31.11
N TYR A 532 -7.47 15.57 -31.93
CA TYR A 532 -6.44 14.55 -32.13
C TYR A 532 -5.09 15.17 -31.76
N LEU A 533 -4.40 14.53 -30.81
CA LEU A 533 -3.11 15.01 -30.33
C LEU A 533 -2.05 13.99 -30.70
N ALA A 534 -1.00 14.43 -31.39
CA ALA A 534 0.07 13.57 -31.84
C ALA A 534 1.40 14.08 -31.31
N TRP A 535 2.40 13.20 -31.32
CA TRP A 535 3.71 13.50 -30.76
C TRP A 535 4.80 13.26 -31.79
N VAL A 536 5.76 14.17 -31.86
CA VAL A 536 6.96 14.00 -32.66
C VAL A 536 8.18 14.29 -31.79
N PRO A 537 9.32 13.65 -32.04
CA PRO A 537 10.53 13.99 -31.28
C PRO A 537 11.03 15.38 -31.63
N ALA A 538 11.46 16.12 -30.62
CA ALA A 538 11.88 17.50 -30.79
C ALA A 538 13.28 17.57 -31.39
N HIS A 539 13.55 18.69 -32.07
CA HIS A 539 14.88 19.02 -32.58
C HIS A 539 15.36 17.99 -33.60
N LYS A 540 14.44 17.49 -34.44
CA LYS A 540 14.78 16.50 -35.45
C LYS A 540 14.42 16.96 -36.86
N GLY A 541 14.04 18.23 -37.04
CA GLY A 541 13.74 18.73 -38.37
C GLY A 541 12.48 18.15 -38.99
N ILE A 542 11.54 17.69 -38.18
CA ILE A 542 10.28 17.15 -38.65
C ILE A 542 9.30 18.31 -38.82
N GLY A 543 8.96 18.64 -40.06
CA GLY A 543 8.01 19.71 -40.32
C GLY A 543 6.60 19.30 -39.99
N GLY A 544 5.79 20.24 -39.51
CA GLY A 544 6.20 21.61 -39.33
C GLY A 544 6.58 21.95 -37.91
N ASN A 545 6.92 20.91 -37.13
CA ASN A 545 7.51 21.16 -35.82
C ASN A 545 8.81 21.94 -35.94
N GLU A 546 9.53 21.77 -37.06
CA GLU A 546 10.75 22.56 -37.28
C GLU A 546 10.43 24.04 -37.43
N GLN A 547 9.33 24.37 -38.11
CA GLN A 547 8.99 25.78 -38.31
C GLN A 547 8.61 26.45 -37.00
N VAL A 548 7.77 25.80 -36.19
CA VAL A 548 7.35 26.41 -34.93
C VAL A 548 8.51 26.45 -33.93
N ASP A 549 9.40 25.46 -33.98
CA ASP A 549 10.56 25.44 -33.09
C ASP A 549 11.46 26.65 -33.35
N LYS A 550 11.64 27.04 -34.61
CA LYS A 550 12.44 28.22 -34.91
C LYS A 550 11.75 29.49 -34.44
N LEU A 551 10.40 29.51 -34.44
CA LEU A 551 9.67 30.71 -34.06
C LEU A 551 9.77 30.97 -32.56
N VAL A 552 9.59 29.92 -31.75
CA VAL A 552 9.61 30.11 -30.29
C VAL A 552 11.02 30.16 -29.72
N SER A 553 12.00 29.58 -30.42
CA SER A 553 13.38 29.60 -29.93
C SER A 553 14.03 30.96 -30.13
N ALA A 554 13.58 31.71 -31.14
CA ALA A 554 14.21 32.99 -31.46
C ALA A 554 14.09 33.97 -30.29
N GLY A 555 15.23 34.50 -29.85
CA GLY A 555 15.26 35.50 -28.82
C GLY A 555 15.35 34.98 -27.40
N ILE A 556 15.12 33.69 -27.18
CA ILE A 556 15.23 33.10 -25.85
C ILE A 556 16.24 31.97 -25.77
N ARG A 557 16.57 31.32 -26.88
CA ARG A 557 17.49 30.19 -26.89
C ARG A 557 18.65 30.48 -27.83
N LYS A 558 19.80 29.85 -27.56
CA LYS A 558 21.00 29.98 -28.38
C LYS A 558 21.50 31.41 -28.42
N PRO B 4 21.30 -30.66 18.47
CA PRO B 4 21.36 -31.59 17.35
C PRO B 4 22.33 -31.14 16.26
N ILE B 5 21.91 -30.17 15.45
CA ILE B 5 22.72 -29.62 14.37
C ILE B 5 23.33 -28.32 14.84
N GLU B 6 24.64 -28.16 14.61
CA GLU B 6 25.33 -26.93 14.97
C GLU B 6 24.81 -25.78 14.13
N THR B 7 24.49 -24.67 14.79
CA THR B 7 23.95 -23.51 14.10
C THR B 7 25.05 -22.70 13.42
N VAL B 8 24.70 -22.05 12.33
CA VAL B 8 25.62 -21.24 11.54
C VAL B 8 25.37 -19.77 11.88
N PRO B 9 26.39 -19.04 12.35
CA PRO B 9 26.17 -17.62 12.67
C PRO B 9 25.97 -16.79 11.42
N VAL B 10 24.86 -16.06 11.38
CA VAL B 10 24.53 -15.17 10.29
C VAL B 10 24.26 -13.78 10.87
N LYS B 11 24.71 -12.75 10.16
CA LYS B 11 24.53 -11.38 10.61
C LYS B 11 24.06 -10.51 9.45
N LEU B 12 23.54 -9.33 9.80
CA LEU B 12 23.11 -8.37 8.80
C LEU B 12 24.31 -7.70 8.15
N LYS B 13 24.03 -6.96 7.08
CA LYS B 13 25.08 -6.18 6.44
C LYS B 13 25.53 -5.04 7.35
N PRO B 14 26.77 -4.58 7.21
CA PRO B 14 27.27 -3.53 8.10
C PRO B 14 26.46 -2.24 7.98
N GLY B 15 26.11 -1.67 9.12
CA GLY B 15 25.37 -0.42 9.16
C GLY B 15 23.89 -0.52 8.90
N MET B 16 23.33 -1.73 8.88
CA MET B 16 21.92 -1.93 8.60
C MET B 16 21.23 -2.57 9.79
N ASP B 17 20.04 -2.06 10.11
CA ASP B 17 19.19 -2.63 11.14
C ASP B 17 18.21 -3.60 10.51
N GLY B 18 17.43 -4.29 11.34
CA GLY B 18 16.47 -5.24 10.87
C GLY B 18 15.25 -4.59 10.24
N PRO B 19 14.40 -5.39 9.61
CA PRO B 19 13.22 -4.83 8.93
C PRO B 19 12.17 -4.36 9.93
N LYS B 20 11.47 -3.28 9.56
CA LYS B 20 10.43 -2.69 10.38
C LYS B 20 9.27 -2.30 9.46
N VAL B 21 8.64 -3.31 8.87
CA VAL B 21 7.60 -3.13 7.85
C VAL B 21 6.26 -3.54 8.44
N LYS B 22 5.26 -2.67 8.27
CA LYS B 22 3.96 -2.89 8.89
C LYS B 22 3.19 -4.00 8.18
N GLN B 23 2.39 -4.73 8.95
CA GLN B 23 1.50 -5.73 8.38
C GLN B 23 0.34 -5.06 7.66
N TRP B 24 0.05 -5.50 6.45
CA TRP B 24 -1.08 -4.95 5.72
C TRP B 24 -2.34 -5.77 6.01
N PRO B 25 -3.52 -5.19 5.77
CA PRO B 25 -4.77 -5.89 6.12
C PRO B 25 -4.93 -7.21 5.37
N LEU B 26 -5.34 -8.24 6.12
CA LEU B 26 -5.52 -9.58 5.58
C LEU B 26 -6.98 -9.97 5.64
N THR B 27 -7.43 -10.73 4.63
CA THR B 27 -8.80 -11.21 4.60
C THR B 27 -9.02 -12.26 5.68
N GLU B 28 -10.30 -12.54 5.95
CA GLU B 28 -10.63 -13.50 6.99
C GLU B 28 -10.13 -14.90 6.64
N GLU B 29 -10.25 -15.28 5.37
CA GLU B 29 -9.78 -16.61 4.96
C GLU B 29 -8.26 -16.74 5.09
N LYS B 30 -7.52 -15.64 4.90
CA LYS B 30 -6.08 -15.69 5.04
C LYS B 30 -5.66 -15.73 6.51
N ILE B 31 -6.34 -14.97 7.37
CA ILE B 31 -6.00 -14.99 8.79
C ILE B 31 -6.32 -16.34 9.39
N LYS B 32 -7.49 -16.90 9.07
CA LYS B 32 -7.84 -18.23 9.57
C LYS B 32 -6.84 -19.28 9.09
N ALA B 33 -6.37 -19.15 7.84
CA ALA B 33 -5.36 -20.07 7.35
C ALA B 33 -4.02 -19.87 8.07
N LEU B 34 -3.63 -18.61 8.29
CA LEU B 34 -2.36 -18.35 8.97
C LEU B 34 -2.42 -18.78 10.43
N VAL B 35 -3.58 -18.62 11.08
CA VAL B 35 -3.71 -19.04 12.47
C VAL B 35 -3.57 -20.55 12.58
N GLU B 36 -4.25 -21.28 11.70
CA GLU B 36 -4.14 -22.74 11.71
C GLU B 36 -2.70 -23.20 11.45
N ILE B 37 -2.02 -22.53 10.52
CA ILE B 37 -0.65 -22.90 10.18
C ILE B 37 0.29 -22.60 11.34
N CYS B 38 0.16 -21.40 11.93
CA CYS B 38 1.09 -21.00 12.99
C CYS B 38 0.93 -21.84 14.25
N THR B 39 -0.30 -22.27 14.57
CA THR B 39 -0.48 -23.13 15.74
C THR B 39 0.21 -24.47 15.54
N GLU B 40 0.20 -24.98 14.31
CA GLU B 40 0.91 -26.22 14.02
C GLU B 40 2.41 -26.00 13.99
N MET B 41 2.86 -24.86 13.47
CA MET B 41 4.30 -24.56 13.45
C MET B 41 4.83 -24.34 14.85
N GLU B 42 4.04 -23.68 15.71
CA GLU B 42 4.45 -23.47 17.09
C GLU B 42 4.48 -24.80 17.86
N LYS B 43 3.50 -25.67 17.59
CA LYS B 43 3.45 -26.97 18.26
C LYS B 43 4.73 -27.78 18.00
N GLU B 44 5.37 -27.56 16.86
CA GLU B 44 6.54 -28.32 16.45
C GLU B 44 7.83 -27.55 16.65
N GLY B 45 7.80 -26.43 17.39
CA GLY B 45 9.00 -25.69 17.70
C GLY B 45 9.55 -24.83 16.58
N LYS B 46 8.84 -24.73 15.45
CA LYS B 46 9.35 -23.98 14.32
C LYS B 46 9.28 -22.48 14.56
N ILE B 47 8.24 -22.01 15.25
CA ILE B 47 8.08 -20.60 15.59
C ILE B 47 7.74 -20.49 17.07
N SER B 48 8.06 -19.33 17.64
CA SER B 48 7.76 -19.03 19.04
C SER B 48 7.13 -17.64 19.14
N LYS B 49 6.20 -17.50 20.08
CA LYS B 49 5.57 -16.21 20.30
C LYS B 49 6.56 -15.21 20.89
N ILE B 50 6.44 -13.96 20.47
CA ILE B 50 7.29 -12.88 20.95
C ILE B 50 6.41 -11.70 21.33
N GLY B 51 7.01 -10.73 22.02
CA GLY B 51 6.31 -9.56 22.47
C GLY B 51 6.71 -8.32 21.72
N PRO B 52 6.29 -7.16 22.22
CA PRO B 52 6.63 -5.89 21.56
C PRO B 52 8.06 -5.44 21.80
N GLU B 53 8.80 -6.05 22.73
CA GLU B 53 10.17 -5.65 22.98
C GLU B 53 11.08 -6.00 21.81
N ASN B 54 10.63 -6.88 20.92
CA ASN B 54 11.27 -7.11 19.63
C ASN B 54 10.82 -6.00 18.69
N PRO B 55 11.72 -5.11 18.27
CA PRO B 55 11.31 -3.94 17.48
C PRO B 55 11.15 -4.20 16.00
N TYR B 56 11.39 -5.42 15.52
CA TYR B 56 11.37 -5.71 14.10
C TYR B 56 10.06 -6.36 13.70
N ASN B 57 9.78 -6.29 12.39
CA ASN B 57 8.56 -6.90 11.87
C ASN B 57 8.65 -7.01 10.36
N THR B 58 8.04 -8.06 9.83
CA THR B 58 8.02 -8.36 8.41
C THR B 58 6.61 -8.83 8.08
N PRO B 59 6.00 -8.32 7.01
CA PRO B 59 4.60 -8.67 6.72
C PRO B 59 4.44 -10.13 6.30
N VAL B 60 3.25 -10.66 6.56
CA VAL B 60 2.94 -12.05 6.29
C VAL B 60 1.54 -12.12 5.68
N PHE B 61 1.36 -13.07 4.77
CA PHE B 61 0.05 -13.37 4.20
C PHE B 61 0.03 -14.85 3.83
N ALA B 62 -0.98 -15.25 3.05
CA ALA B 62 -1.10 -16.64 2.66
C ALA B 62 -1.75 -16.71 1.28
N ILE B 63 -1.38 -17.74 0.52
CA ILE B 63 -1.96 -17.99 -0.79
C ILE B 63 -2.52 -19.40 -0.81
N LYS B 64 -3.50 -19.61 -1.69
CA LYS B 64 -4.20 -20.89 -1.81
C LYS B 64 -3.99 -21.43 -3.21
N LYS B 65 -3.43 -22.63 -3.30
CA LYS B 65 -3.20 -23.25 -4.60
C LYS B 65 -4.54 -23.50 -5.31
N LYS B 66 -4.47 -23.60 -6.63
CA LYS B 66 -5.65 -23.59 -7.51
C LYS B 66 -6.76 -24.53 -7.04
N ASP B 67 -6.56 -25.84 -7.17
CA ASP B 67 -7.57 -26.82 -6.82
C ASP B 67 -7.10 -27.62 -5.61
N SER B 68 -7.10 -26.96 -4.45
CA SER B 68 -6.76 -27.60 -3.19
C SER B 68 -7.15 -26.67 -2.06
N THR B 69 -7.68 -27.25 -0.98
CA THR B 69 -7.99 -26.49 0.23
C THR B 69 -6.77 -26.29 1.12
N LYS B 70 -5.57 -26.51 0.60
CA LYS B 70 -4.33 -26.31 1.34
C LYS B 70 -3.81 -24.91 1.09
N TRP B 71 -3.42 -24.22 2.16
CA TRP B 71 -2.85 -22.88 2.08
C TRP B 71 -1.34 -22.94 2.20
N ARG B 72 -0.71 -21.83 1.85
CA ARG B 72 0.74 -21.70 1.91
C ARG B 72 1.07 -20.38 2.60
N LYS B 73 1.85 -20.43 3.66
CA LYS B 73 2.22 -19.24 4.40
C LYS B 73 3.38 -18.55 3.71
N LEU B 74 3.17 -17.29 3.31
CA LEU B 74 4.18 -16.49 2.64
C LEU B 74 4.61 -15.34 3.54
N VAL B 75 5.92 -15.22 3.75
CA VAL B 75 6.50 -14.12 4.52
C VAL B 75 7.26 -13.24 3.54
N ASP B 76 6.85 -11.97 3.44
CA ASP B 76 7.48 -11.02 2.52
C ASP B 76 8.83 -10.60 3.10
N PHE B 77 9.84 -11.45 2.86
CA PHE B 77 11.15 -11.32 3.48
C PHE B 77 12.13 -10.50 2.67
N ARG B 78 11.71 -9.85 1.58
CA ARG B 78 12.69 -9.23 0.71
C ARG B 78 13.34 -8.00 1.34
N GLU B 79 12.72 -7.40 2.35
CA GLU B 79 13.41 -6.35 3.10
C GLU B 79 14.51 -6.94 3.97
N LEU B 80 14.23 -8.06 4.62
CA LEU B 80 15.28 -8.74 5.40
C LEU B 80 16.36 -9.32 4.49
N ASN B 81 15.97 -9.82 3.32
CA ASN B 81 16.94 -10.39 2.40
C ASN B 81 17.95 -9.35 1.93
N LYS B 82 17.47 -8.13 1.62
CA LYS B 82 18.38 -7.06 1.25
C LYS B 82 19.36 -6.74 2.37
N ARG B 83 18.89 -6.80 3.62
CA ARG B 83 19.70 -6.47 4.78
C ARG B 83 20.54 -7.65 5.27
N THR B 84 20.42 -8.82 4.65
CA THR B 84 21.15 -10.00 5.06
C THR B 84 22.50 -10.06 4.35
N GLN B 85 23.53 -10.46 5.09
CA GLN B 85 24.87 -10.59 4.51
C GLN B 85 24.86 -11.61 3.38
N ASP B 86 25.63 -11.33 2.34
CA ASP B 86 25.67 -12.19 1.15
C ASP B 86 26.41 -13.50 1.43
N ILE B 94 27.46 -20.08 -7.11
CA ILE B 94 27.43 -21.30 -7.90
C ILE B 94 27.11 -20.99 -9.34
N PRO B 95 27.70 -21.75 -10.27
CA PRO B 95 27.41 -21.54 -11.70
C PRO B 95 25.95 -21.83 -12.02
N HIS B 96 25.24 -20.79 -12.47
CA HIS B 96 23.85 -20.95 -12.84
C HIS B 96 23.74 -21.88 -14.05
N PRO B 97 22.85 -22.88 -14.01
CA PRO B 97 22.76 -23.83 -15.13
C PRO B 97 22.25 -23.19 -16.40
N ALA B 98 23.14 -22.99 -17.38
CA ALA B 98 22.73 -22.41 -18.65
C ALA B 98 21.87 -23.37 -19.47
N GLY B 99 21.86 -24.66 -19.13
CA GLY B 99 21.07 -25.63 -19.84
C GLY B 99 19.63 -25.77 -19.39
N LEU B 100 19.25 -25.08 -18.31
CA LEU B 100 17.88 -25.16 -17.82
C LEU B 100 16.91 -24.47 -18.77
N LYS B 101 17.35 -23.38 -19.41
CA LYS B 101 16.48 -22.62 -20.30
C LYS B 101 16.34 -23.25 -21.67
N LYS B 102 17.05 -24.33 -21.97
CA LYS B 102 17.00 -24.99 -23.27
C LYS B 102 16.43 -26.40 -23.15
N LYS B 103 15.61 -26.65 -22.13
CA LYS B 103 14.97 -27.94 -21.93
C LYS B 103 13.53 -27.90 -22.41
N LYS B 104 13.01 -29.08 -22.77
CA LYS B 104 11.66 -29.18 -23.28
C LYS B 104 10.63 -28.84 -22.21
N SER B 105 10.71 -29.50 -21.06
CA SER B 105 9.77 -29.30 -19.97
C SER B 105 10.52 -29.04 -18.68
N VAL B 106 10.06 -28.07 -17.91
CA VAL B 106 10.62 -27.74 -16.61
C VAL B 106 9.49 -27.67 -15.60
N THR B 107 9.61 -28.42 -14.51
CA THR B 107 8.63 -28.43 -13.44
C THR B 107 9.18 -27.72 -12.22
N VAL B 108 8.34 -26.92 -11.56
CA VAL B 108 8.72 -26.19 -10.36
C VAL B 108 8.16 -26.94 -9.15
N LEU B 109 9.03 -27.28 -8.22
CA LEU B 109 8.65 -27.99 -7.00
C LEU B 109 8.96 -27.12 -5.79
N ASP B 110 8.00 -27.02 -4.88
CA ASP B 110 8.17 -26.26 -3.63
C ASP B 110 8.86 -27.17 -2.61
N VAL B 111 10.13 -26.90 -2.34
CA VAL B 111 10.90 -27.69 -1.37
C VAL B 111 11.10 -26.86 -0.11
N GLY B 112 10.15 -25.96 0.18
CA GLY B 112 10.28 -25.11 1.35
C GLY B 112 10.26 -25.86 2.66
N ASP B 113 9.54 -26.98 2.72
CA ASP B 113 9.46 -27.76 3.95
C ASP B 113 10.83 -28.28 4.40
N ALA B 114 11.80 -28.36 3.49
CA ALA B 114 13.10 -28.91 3.86
C ALA B 114 13.84 -28.03 4.86
N TYR B 115 13.61 -26.71 4.82
CA TYR B 115 14.33 -25.81 5.70
C TYR B 115 13.95 -25.97 7.17
N PHE B 116 12.77 -26.53 7.45
CA PHE B 116 12.24 -26.56 8.81
C PHE B 116 12.97 -27.55 9.72
N SER B 117 13.96 -28.28 9.21
CA SER B 117 14.69 -29.25 10.01
C SER B 117 16.07 -28.77 10.43
N VAL B 118 16.40 -27.51 10.14
CA VAL B 118 17.70 -26.94 10.46
C VAL B 118 17.49 -25.74 11.37
N PRO B 119 18.10 -25.70 12.55
CA PRO B 119 17.89 -24.57 13.46
C PRO B 119 18.51 -23.30 12.92
N LEU B 120 17.97 -22.17 13.37
CA LEU B 120 18.43 -20.84 12.96
C LEU B 120 19.26 -20.21 14.06
N ASP B 121 20.24 -19.40 13.66
CA ASP B 121 21.09 -18.70 14.61
C ASP B 121 20.25 -17.90 15.60
N GLU B 122 20.54 -18.11 16.89
CA GLU B 122 19.71 -17.51 17.94
C GLU B 122 19.73 -15.98 17.87
N ASP B 123 20.90 -15.39 17.58
CA ASP B 123 20.99 -13.94 17.52
C ASP B 123 20.24 -13.37 16.32
N PHE B 124 19.95 -14.18 15.31
CA PHE B 124 19.29 -13.70 14.10
C PHE B 124 17.78 -13.86 14.15
N ARG B 125 17.26 -14.70 15.05
CA ARG B 125 15.83 -14.99 15.07
C ARG B 125 15.00 -13.73 15.29
N LYS B 126 15.56 -12.71 15.95
CA LYS B 126 14.81 -11.50 16.22
C LYS B 126 14.36 -10.81 14.93
N TYR B 127 15.15 -10.92 13.87
CA TYR B 127 14.84 -10.23 12.62
C TYR B 127 13.75 -10.93 11.81
N THR B 128 13.39 -12.16 12.15
CA THR B 128 12.37 -12.91 11.43
C THR B 128 10.96 -12.67 11.98
N ALA B 129 10.79 -11.62 12.80
CA ALA B 129 9.51 -11.37 13.45
C ALA B 129 8.42 -11.07 12.44
N PHE B 130 7.20 -11.53 12.75
CA PHE B 130 6.02 -11.19 11.95
C PHE B 130 4.81 -11.18 12.87
N THR B 131 3.71 -10.60 12.37
CA THR B 131 2.54 -10.31 13.20
C THR B 131 1.28 -10.76 12.49
N ILE B 132 0.49 -11.60 13.17
CA ILE B 132 -0.80 -12.04 12.66
C ILE B 132 -1.85 -11.03 13.10
N PRO B 133 -2.51 -10.34 12.18
CA PRO B 133 -3.57 -9.40 12.56
C PRO B 133 -4.86 -10.13 12.89
N SER B 134 -5.83 -9.37 13.40
CA SER B 134 -7.15 -9.89 13.71
C SER B 134 -8.21 -9.09 12.98
N ILE B 135 -9.34 -9.75 12.69
CA ILE B 135 -10.43 -9.10 12.00
C ILE B 135 -11.07 -8.07 12.92
N ASN B 136 -11.31 -6.87 12.38
CA ASN B 136 -11.93 -5.77 13.12
C ASN B 136 -11.14 -5.39 14.37
N ASN B 137 -9.85 -5.72 14.39
CA ASN B 137 -8.97 -5.41 15.51
C ASN B 137 -9.58 -5.86 16.84
N GLU B 138 -10.15 -7.06 16.82
CA GLU B 138 -10.67 -7.67 18.04
C GLU B 138 -9.56 -7.90 19.06
N THR B 139 -8.35 -8.17 18.58
CA THR B 139 -7.18 -8.48 19.38
C THR B 139 -6.01 -7.66 18.86
N PRO B 140 -5.07 -7.29 19.73
CA PRO B 140 -3.77 -6.82 19.23
C PRO B 140 -3.14 -7.87 18.33
N GLY B 141 -2.19 -7.42 17.51
CA GLY B 141 -1.47 -8.36 16.66
C GLY B 141 -0.69 -9.36 17.49
N ILE B 142 -0.72 -10.61 17.06
CA ILE B 142 -0.04 -11.71 17.74
C ILE B 142 1.23 -12.02 16.97
N ARG B 143 2.39 -11.84 17.62
CA ARG B 143 3.68 -11.85 16.97
C ARG B 143 4.41 -13.17 17.17
N TYR B 144 5.24 -13.53 16.19
CA TYR B 144 6.05 -14.74 16.21
C TYR B 144 7.43 -14.43 15.67
N GLN B 145 8.36 -15.37 15.89
CA GLN B 145 9.66 -15.33 15.25
C GLN B 145 10.06 -16.75 14.90
N TYR B 146 11.05 -16.88 14.02
CA TYR B 146 11.44 -18.19 13.49
C TYR B 146 12.53 -18.82 14.34
N ASN B 147 12.39 -20.13 14.58
CA ASN B 147 13.42 -20.92 15.24
C ASN B 147 14.24 -21.76 14.27
N VAL B 148 13.68 -22.09 13.10
CA VAL B 148 14.38 -22.85 12.08
C VAL B 148 14.58 -21.96 10.87
N LEU B 149 15.20 -22.49 9.83
CA LEU B 149 15.40 -21.73 8.60
C LEU B 149 14.04 -21.38 8.00
N PRO B 150 13.74 -20.10 7.77
CA PRO B 150 12.42 -19.72 7.26
C PRO B 150 12.34 -19.79 5.75
N GLN B 151 11.14 -20.17 5.29
CA GLN B 151 10.84 -20.11 3.86
C GLN B 151 10.83 -18.65 3.40
N GLY B 152 11.46 -18.39 2.27
CA GLY B 152 11.49 -17.06 1.70
C GLY B 152 12.68 -16.21 2.09
N TRP B 153 13.50 -16.67 3.04
CA TRP B 153 14.70 -15.94 3.44
C TRP B 153 15.86 -16.32 2.54
N LYS B 154 16.66 -15.32 2.16
CA LYS B 154 17.76 -15.57 1.24
C LYS B 154 18.83 -16.48 1.86
N GLY B 155 18.99 -16.44 3.18
CA GLY B 155 19.97 -17.29 3.83
C GLY B 155 19.54 -18.73 4.02
N SER B 156 18.27 -19.05 3.77
CA SER B 156 17.82 -20.43 3.97
C SER B 156 18.38 -21.38 2.91
N PRO B 157 18.32 -21.09 1.61
CA PRO B 157 18.95 -22.02 0.65
C PRO B 157 20.45 -22.07 0.78
N ALA B 158 21.09 -20.99 1.24
CA ALA B 158 22.54 -20.99 1.39
C ALA B 158 22.99 -21.97 2.46
N ILE B 159 22.37 -21.91 3.65
CA ILE B 159 22.77 -22.77 4.75
C ILE B 159 22.43 -24.23 4.45
N PHE B 160 21.30 -24.47 3.80
CA PHE B 160 20.85 -25.82 3.47
C PHE B 160 21.53 -26.38 2.22
N GLN B 161 22.51 -25.66 1.66
CA GLN B 161 23.11 -26.07 0.40
C GLN B 161 23.77 -27.44 0.50
N SER B 162 24.55 -27.67 1.56
CA SER B 162 25.27 -28.94 1.69
C SER B 162 24.31 -30.11 1.83
N SER B 163 23.20 -29.91 2.54
CA SER B 163 22.23 -31.00 2.71
C SER B 163 21.47 -31.25 1.41
N MET B 164 21.20 -30.20 0.63
CA MET B 164 20.47 -30.36 -0.62
C MET B 164 21.29 -31.18 -1.62
N THR B 165 22.62 -31.00 -1.63
CA THR B 165 23.47 -31.75 -2.55
C THR B 165 23.45 -33.23 -2.22
N LYS B 166 23.42 -33.57 -0.92
CA LYS B 166 23.38 -34.98 -0.52
C LYS B 166 22.10 -35.65 -1.01
N ILE B 167 20.96 -34.96 -0.87
CA ILE B 167 19.69 -35.55 -1.25
C ILE B 167 19.60 -35.71 -2.77
N LEU B 168 20.08 -34.71 -3.52
CA LEU B 168 19.98 -34.73 -4.98
C LEU B 168 21.08 -35.53 -5.65
N GLU B 169 22.09 -35.98 -4.90
CA GLU B 169 23.22 -36.68 -5.52
C GLU B 169 22.80 -37.96 -6.25
N PRO B 170 22.06 -38.90 -5.63
CA PRO B 170 21.74 -40.14 -6.36
C PRO B 170 20.85 -39.91 -7.58
N PHE B 171 19.90 -38.98 -7.50
CA PHE B 171 19.02 -38.73 -8.63
C PHE B 171 19.77 -38.11 -9.79
N ARG B 172 20.63 -37.13 -9.52
CA ARG B 172 21.38 -36.47 -10.58
C ARG B 172 22.34 -37.42 -11.28
N LYS B 173 22.92 -38.38 -10.54
CA LYS B 173 23.78 -39.36 -11.17
C LYS B 173 22.99 -40.34 -12.03
N GLN B 174 21.86 -40.81 -11.52
CA GLN B 174 21.00 -41.72 -12.28
C GLN B 174 20.40 -41.03 -13.51
N ASN B 175 20.16 -39.73 -13.42
CA ASN B 175 19.54 -38.95 -14.50
C ASN B 175 20.46 -37.79 -14.87
N PRO B 176 21.55 -38.07 -15.58
CA PRO B 176 22.48 -36.97 -15.93
C PRO B 176 21.90 -35.98 -16.93
N ASP B 177 20.93 -36.39 -17.74
CA ASP B 177 20.30 -35.51 -18.71
C ASP B 177 19.21 -34.63 -18.10
N ILE B 178 19.06 -34.64 -16.78
CA ILE B 178 18.06 -33.84 -16.09
C ILE B 178 18.78 -32.77 -15.28
N VAL B 179 18.39 -31.51 -15.49
CA VAL B 179 18.99 -30.38 -14.82
C VAL B 179 18.10 -29.96 -13.66
N ILE B 180 18.64 -30.00 -12.45
CA ILE B 180 17.91 -29.59 -11.25
C ILE B 180 18.55 -28.31 -10.72
N TYR B 181 17.73 -27.27 -10.55
CA TYR B 181 18.20 -25.97 -10.09
C TYR B 181 17.32 -25.48 -8.95
N GLN B 182 17.95 -24.87 -7.95
CA GLN B 182 17.25 -24.38 -6.76
C GLN B 182 17.31 -22.87 -6.71
N TYR B 183 16.15 -22.25 -6.44
CA TYR B 183 16.08 -20.82 -6.15
C TYR B 183 15.05 -20.61 -5.06
N MET B 184 15.49 -20.05 -3.94
CA MET B 184 14.64 -19.79 -2.76
C MET B 184 14.00 -21.11 -2.35
N ASP B 185 12.69 -21.18 -2.17
CA ASP B 185 12.01 -22.40 -1.77
C ASP B 185 11.65 -23.29 -2.97
N ASP B 186 12.10 -22.92 -4.17
CA ASP B 186 11.70 -23.59 -5.40
C ASP B 186 12.82 -24.44 -5.95
N LEU B 187 12.44 -25.56 -6.56
CA LEU B 187 13.37 -26.48 -7.22
C LEU B 187 12.92 -26.62 -8.66
N TYR B 188 13.80 -26.29 -9.60
CA TYR B 188 13.49 -26.32 -11.02
C TYR B 188 14.10 -27.56 -11.65
N VAL B 189 13.25 -28.41 -12.24
CA VAL B 189 13.65 -29.70 -12.78
C VAL B 189 13.32 -29.71 -14.26
N GLY B 190 14.35 -29.70 -15.10
CA GLY B 190 14.17 -29.65 -16.56
C GLY B 190 14.77 -30.87 -17.23
N SER B 191 14.03 -31.42 -18.21
CA SER B 191 14.52 -32.54 -18.99
C SER B 191 13.97 -32.44 -20.40
N ASP B 192 14.65 -33.11 -21.32
CA ASP B 192 14.20 -33.23 -22.70
C ASP B 192 13.32 -34.46 -22.92
N LEU B 193 12.87 -35.10 -21.85
CA LEU B 193 12.01 -36.27 -21.97
C LEU B 193 10.63 -35.89 -22.50
N GLU B 194 9.99 -36.83 -23.16
CA GLU B 194 8.63 -36.62 -23.64
C GLU B 194 7.70 -36.38 -22.46
N ILE B 195 6.68 -35.55 -22.67
CA ILE B 195 5.71 -35.29 -21.62
C ILE B 195 4.98 -36.58 -21.27
N GLY B 196 4.96 -36.90 -19.98
CA GLY B 196 4.53 -38.21 -19.55
C GLY B 196 5.69 -38.97 -18.96
N GLN B 197 6.73 -39.18 -19.77
CA GLN B 197 7.99 -39.69 -19.24
C GLN B 197 8.64 -38.68 -18.31
N HIS B 198 8.60 -37.40 -18.68
CA HIS B 198 9.09 -36.34 -17.81
C HIS B 198 8.30 -36.31 -16.50
N ARG B 199 6.97 -36.39 -16.60
CA ARG B 199 6.14 -36.37 -15.39
C ARG B 199 6.39 -37.59 -14.52
N THR B 200 6.83 -38.71 -15.12
CA THR B 200 7.20 -39.87 -14.32
C THR B 200 8.46 -39.61 -13.51
N LYS B 201 9.43 -38.89 -14.10
CA LYS B 201 10.64 -38.54 -13.36
C LYS B 201 10.36 -37.52 -12.27
N ILE B 202 9.42 -36.60 -12.51
CA ILE B 202 9.04 -35.64 -11.48
C ILE B 202 8.42 -36.35 -10.29
N GLU B 203 7.55 -37.33 -10.55
CA GLU B 203 6.97 -38.11 -9.46
C GLU B 203 8.01 -39.00 -8.80
N GLU B 204 8.98 -39.48 -9.57
CA GLU B 204 10.09 -40.24 -8.98
C GLU B 204 10.88 -39.37 -8.02
N LEU B 205 11.22 -38.15 -8.43
CA LEU B 205 11.95 -37.24 -7.56
C LEU B 205 11.15 -36.86 -6.33
N ARG B 206 9.82 -36.78 -6.46
CA ARG B 206 8.98 -36.48 -5.30
C ARG B 206 9.04 -37.61 -4.28
N GLN B 207 9.06 -38.86 -4.74
CA GLN B 207 9.22 -39.98 -3.82
C GLN B 207 10.62 -40.00 -3.22
N HIS B 208 11.61 -39.51 -3.95
CA HIS B 208 12.97 -39.42 -3.41
C HIS B 208 13.03 -38.38 -2.30
N LEU B 209 12.40 -37.21 -2.50
CA LEU B 209 12.42 -36.17 -1.49
C LEU B 209 11.62 -36.53 -0.25
N LEU B 210 10.72 -37.51 -0.34
CA LEU B 210 9.92 -37.90 0.81
C LEU B 210 10.67 -38.79 1.80
N ARG B 211 11.73 -39.48 1.34
CA ARG B 211 12.53 -40.28 2.26
C ARG B 211 13.23 -39.39 3.28
N TRP B 212 13.93 -38.36 2.81
CA TRP B 212 14.50 -37.38 3.73
C TRP B 212 13.41 -36.58 4.42
N GLY B 213 12.58 -35.90 3.64
CA GLY B 213 11.41 -35.23 4.19
C GLY B 213 11.56 -33.74 4.42
N LEU B 214 10.54 -33.12 5.02
CA LEU B 214 9.33 -33.85 5.41
C LEU B 214 8.08 -33.17 4.86
N GLU B 233 3.45 -26.32 -15.75
CA GLU B 233 4.69 -26.77 -16.36
C GLU B 233 5.33 -25.68 -17.21
N LEU B 234 6.66 -25.67 -17.27
CA LEU B 234 7.42 -24.71 -18.07
C LEU B 234 7.95 -25.39 -19.31
N HIS B 235 7.98 -24.64 -20.42
CA HIS B 235 8.57 -25.09 -21.67
C HIS B 235 9.51 -24.00 -22.16
N PRO B 236 10.72 -23.93 -21.61
CA PRO B 236 11.64 -22.84 -21.99
C PRO B 236 12.09 -22.89 -23.44
N ASP B 237 11.93 -24.03 -24.11
CA ASP B 237 12.24 -24.11 -25.53
C ASP B 237 11.41 -23.14 -26.35
N LYS B 238 10.19 -22.83 -25.89
CA LYS B 238 9.26 -22.00 -26.63
C LYS B 238 9.26 -20.55 -26.17
N TRP B 239 10.16 -20.18 -25.27
CA TRP B 239 10.30 -18.78 -24.87
C TRP B 239 10.94 -17.99 -26.00
N THR B 240 10.14 -17.17 -26.68
CA THR B 240 10.61 -16.42 -27.83
C THR B 240 10.73 -14.93 -27.47
N VAL B 241 11.47 -14.21 -28.32
CA VAL B 241 11.66 -12.78 -28.17
C VAL B 241 10.71 -12.05 -29.11
N GLN B 242 10.19 -10.91 -28.66
CA GLN B 242 9.29 -10.09 -29.46
C GLN B 242 10.06 -8.90 -30.02
N PRO B 243 10.53 -8.95 -31.27
CA PRO B 243 11.31 -7.82 -31.80
C PRO B 243 10.41 -6.65 -32.15
N ILE B 244 11.06 -5.49 -32.31
CA ILE B 244 10.35 -4.29 -32.78
C ILE B 244 9.92 -4.50 -34.22
N VAL B 245 8.63 -4.31 -34.47
CA VAL B 245 8.08 -4.46 -35.81
C VAL B 245 7.70 -3.08 -36.34
N LEU B 246 7.68 -2.95 -37.66
CA LEU B 246 7.31 -1.71 -38.31
C LEU B 246 6.04 -1.90 -39.15
N PRO B 247 5.16 -0.89 -39.19
CA PRO B 247 3.94 -1.02 -39.98
C PRO B 247 4.23 -1.22 -41.46
N GLU B 248 3.26 -1.82 -42.14
CA GLU B 248 3.32 -2.05 -43.58
C GLU B 248 2.05 -1.52 -44.20
N LYS B 249 2.17 -0.56 -45.11
CA LYS B 249 1.02 0.11 -45.69
C LYS B 249 1.27 0.34 -47.17
N ASP B 250 0.17 0.38 -47.94
CA ASP B 250 0.23 0.82 -49.33
C ASP B 250 0.04 2.32 -49.48
N SER B 251 -0.54 2.97 -48.47
CA SER B 251 -0.80 4.39 -48.49
C SER B 251 -0.39 4.97 -47.14
N TRP B 252 0.58 5.88 -47.15
CA TRP B 252 1.06 6.51 -45.94
C TRP B 252 0.57 7.96 -45.87
N THR B 253 0.10 8.36 -44.70
CA THR B 253 -0.26 9.75 -44.45
C THR B 253 0.89 10.45 -43.72
N VAL B 254 0.80 11.78 -43.67
CA VAL B 254 1.76 12.55 -42.89
C VAL B 254 1.80 12.05 -41.45
N ASN B 255 0.62 11.70 -40.91
CA ASN B 255 0.55 11.17 -39.56
C ASN B 255 1.22 9.81 -39.46
N ASP B 256 1.02 8.94 -40.45
CA ASP B 256 1.65 7.63 -40.44
C ASP B 256 3.17 7.75 -40.43
N ILE B 257 3.71 8.63 -41.27
CA ILE B 257 5.16 8.79 -41.37
C ILE B 257 5.71 9.45 -40.11
N GLN B 258 4.95 10.38 -39.53
CA GLN B 258 5.39 11.01 -38.29
C GLN B 258 5.47 10.00 -37.15
N LYS B 259 4.48 9.11 -37.06
CA LYS B 259 4.53 8.05 -36.05
C LYS B 259 5.68 7.10 -36.33
N LEU B 260 5.97 6.84 -37.61
CA LEU B 260 7.05 5.92 -37.96
C LEU B 260 8.42 6.55 -37.70
N VAL B 261 8.56 7.85 -37.94
CA VAL B 261 9.84 8.51 -37.72
C VAL B 261 10.16 8.59 -36.24
N GLY B 262 9.16 8.93 -35.41
CA GLY B 262 9.38 8.97 -33.98
C GLY B 262 9.71 7.61 -33.40
N LYS B 263 9.12 6.55 -33.97
CA LYS B 263 9.40 5.20 -33.49
C LYS B 263 10.81 4.76 -33.87
N LEU B 264 11.22 5.02 -35.12
CA LEU B 264 12.57 4.68 -35.53
C LEU B 264 13.61 5.54 -34.83
N ASN B 265 13.26 6.79 -34.49
CA ASN B 265 14.20 7.65 -33.76
C ASN B 265 14.48 7.08 -32.38
N TRP B 266 13.44 6.62 -31.67
CA TRP B 266 13.66 5.94 -30.40
C TRP B 266 14.40 4.62 -30.60
N ALA B 267 14.08 3.90 -31.69
CA ALA B 267 14.71 2.61 -31.92
C ALA B 267 16.20 2.75 -32.23
N SER B 268 16.61 3.87 -32.80
CA SER B 268 18.03 4.10 -33.07
C SER B 268 18.84 4.23 -31.79
N GLN B 269 18.19 4.50 -30.66
CA GLN B 269 18.88 4.47 -29.38
C GLN B 269 19.25 3.05 -28.98
N ILE B 270 18.51 2.06 -29.47
CA ILE B 270 18.84 0.66 -29.26
C ILE B 270 19.65 0.10 -30.40
N TYR B 271 19.24 0.41 -31.64
CA TYR B 271 19.92 -0.06 -32.84
C TYR B 271 20.55 1.13 -33.56
N PRO B 272 21.83 1.43 -33.32
CA PRO B 272 22.43 2.62 -33.94
C PRO B 272 22.45 2.60 -35.45
N GLY B 273 22.20 1.46 -36.09
CA GLY B 273 22.16 1.39 -37.54
C GLY B 273 20.91 1.97 -38.17
N ILE B 274 19.86 2.18 -37.39
CA ILE B 274 18.64 2.77 -37.91
C ILE B 274 18.90 4.19 -38.37
N LYS B 275 18.52 4.49 -39.61
CA LYS B 275 18.60 5.84 -40.16
C LYS B 275 17.21 6.28 -40.61
N VAL B 276 16.97 7.59 -40.58
CA VAL B 276 15.65 8.14 -40.84
C VAL B 276 15.76 9.36 -41.73
N ARG B 277 16.84 9.45 -42.51
CA ARG B 277 17.05 10.59 -43.39
C ARG B 277 15.98 10.68 -44.47
N GLN B 278 15.79 9.59 -45.22
CA GLN B 278 14.91 9.63 -46.38
C GLN B 278 13.44 9.68 -45.97
N LEU B 279 13.10 9.13 -44.81
CA LEU B 279 11.71 9.17 -44.37
C LEU B 279 11.32 10.56 -43.87
N SER B 280 12.21 11.20 -43.09
CA SER B 280 11.87 12.48 -42.49
C SER B 280 11.84 13.61 -43.51
N LYS B 281 12.62 13.50 -44.60
CA LYS B 281 12.61 14.54 -45.62
C LYS B 281 11.31 14.58 -46.40
N LEU B 282 10.53 13.49 -46.36
CA LEU B 282 9.19 13.50 -46.95
C LEU B 282 8.24 14.40 -46.17
N LEU B 283 8.59 14.79 -44.94
CA LEU B 283 7.72 15.57 -44.09
C LEU B 283 8.08 17.05 -44.06
N ARG B 284 8.99 17.50 -44.93
CA ARG B 284 9.35 18.91 -44.98
C ARG B 284 8.14 19.75 -45.30
N GLY B 285 8.03 20.89 -44.63
CA GLY B 285 6.86 21.76 -44.76
C GLY B 285 5.88 21.53 -43.64
N THR B 286 4.78 22.28 -43.71
CA THR B 286 3.72 22.26 -42.70
C THR B 286 2.48 21.65 -43.36
N LYS B 287 2.33 20.33 -43.25
CA LYS B 287 1.31 19.60 -43.96
C LYS B 287 0.19 19.13 -43.04
N ALA B 288 -0.95 18.81 -43.64
CA ALA B 288 -2.06 18.22 -42.91
C ALA B 288 -1.76 16.77 -42.57
N LEU B 289 -2.22 16.33 -41.40
CA LEU B 289 -1.89 14.98 -40.94
C LEU B 289 -2.47 13.90 -41.85
N THR B 290 -3.62 14.16 -42.48
CA THR B 290 -4.26 13.18 -43.33
C THR B 290 -3.84 13.30 -44.80
N GLU B 291 -2.80 14.07 -45.09
CA GLU B 291 -2.31 14.18 -46.46
C GLU B 291 -1.52 12.93 -46.84
N VAL B 292 -1.75 12.46 -48.05
CA VAL B 292 -1.10 11.24 -48.52
C VAL B 292 0.29 11.58 -49.04
N ILE B 293 1.28 10.82 -48.56
CA ILE B 293 2.67 11.02 -48.97
C ILE B 293 3.16 9.74 -49.65
N PRO B 294 3.37 9.75 -50.97
CA PRO B 294 3.92 8.57 -51.64
C PRO B 294 5.38 8.38 -51.25
N LEU B 295 5.72 7.17 -50.81
CA LEU B 295 7.09 6.89 -50.44
C LEU B 295 7.97 6.83 -51.68
N THR B 296 9.03 7.64 -51.70
CA THR B 296 9.99 7.56 -52.78
C THR B 296 10.77 6.25 -52.68
N GLU B 297 11.51 5.94 -53.75
CA GLU B 297 12.31 4.71 -53.76
C GLU B 297 13.36 4.74 -52.66
N GLU B 298 13.95 5.91 -52.41
CA GLU B 298 14.94 6.03 -51.35
C GLU B 298 14.32 5.80 -49.98
N ALA B 299 13.18 6.46 -49.72
CA ALA B 299 12.49 6.24 -48.46
C ALA B 299 11.98 4.81 -48.34
N GLU B 300 11.53 4.24 -49.46
CA GLU B 300 11.09 2.85 -49.45
C GLU B 300 12.23 1.91 -49.10
N LEU B 301 13.41 2.16 -49.66
CA LEU B 301 14.56 1.32 -49.37
C LEU B 301 15.05 1.52 -47.95
N GLU B 302 15.08 2.77 -47.48
CA GLU B 302 15.50 3.03 -46.10
C GLU B 302 14.62 2.30 -45.10
N LEU B 303 13.32 2.18 -45.40
CA LEU B 303 12.41 1.47 -44.52
C LEU B 303 12.70 -0.02 -44.50
N ALA B 304 12.94 -0.61 -45.68
CA ALA B 304 13.22 -2.04 -45.75
C ALA B 304 14.52 -2.38 -45.03
N GLU B 305 15.53 -1.52 -45.15
CA GLU B 305 16.78 -1.74 -44.43
C GLU B 305 16.57 -1.67 -42.93
N ASN B 306 15.69 -0.77 -42.47
CA ASN B 306 15.42 -0.66 -41.03
C ASN B 306 14.74 -1.91 -40.49
N ARG B 307 13.90 -2.57 -41.30
CA ARG B 307 13.25 -3.79 -40.83
C ARG B 307 14.27 -4.88 -40.57
N GLU B 308 15.27 -5.01 -41.45
CA GLU B 308 16.30 -6.04 -41.25
C GLU B 308 17.17 -5.74 -40.04
N ILE B 309 17.42 -4.45 -39.76
CA ILE B 309 18.24 -4.10 -38.62
C ILE B 309 17.53 -4.43 -37.31
N LEU B 310 16.21 -4.25 -37.27
CA LEU B 310 15.44 -4.56 -36.07
C LEU B 310 15.36 -6.05 -35.80
N LYS B 311 15.68 -6.89 -36.79
CA LYS B 311 15.71 -8.33 -36.58
C LYS B 311 17.02 -8.77 -35.93
N GLU B 312 18.10 -8.00 -36.14
CA GLU B 312 19.39 -8.34 -35.56
C GLU B 312 19.33 -8.22 -34.04
N PRO B 313 20.09 -9.04 -33.32
CA PRO B 313 20.10 -8.94 -31.86
C PRO B 313 20.87 -7.71 -31.39
N VAL B 314 20.43 -7.16 -30.26
CA VAL B 314 21.09 -6.00 -29.70
C VAL B 314 22.54 -6.34 -29.36
N HIS B 315 23.45 -5.46 -29.74
CA HIS B 315 24.87 -5.74 -29.63
C HIS B 315 25.43 -5.18 -28.33
N GLY B 316 26.46 -5.85 -27.81
CA GLY B 316 27.15 -5.39 -26.62
C GLY B 316 26.33 -5.43 -25.35
N VAL B 317 25.54 -6.49 -25.15
CA VAL B 317 24.70 -6.64 -23.97
C VAL B 317 25.22 -7.83 -23.18
N TYR B 318 25.81 -7.56 -22.02
CA TYR B 318 26.45 -8.60 -21.22
C TYR B 318 25.88 -8.57 -19.81
N TYR B 319 25.40 -9.72 -19.35
CA TYR B 319 24.73 -9.81 -18.06
C TYR B 319 25.71 -9.59 -16.92
N ASP B 320 25.35 -8.68 -16.01
CA ASP B 320 26.16 -8.37 -14.84
C ASP B 320 25.46 -8.91 -13.60
N PRO B 321 25.96 -9.98 -12.98
CA PRO B 321 25.30 -10.49 -11.77
C PRO B 321 25.30 -9.52 -10.61
N SER B 322 26.24 -8.56 -10.57
CA SER B 322 26.29 -7.61 -9.46
C SER B 322 25.30 -6.47 -9.58
N LYS B 323 24.69 -6.27 -10.75
CA LYS B 323 23.72 -5.20 -10.94
C LYS B 323 22.32 -5.79 -11.02
N ASP B 324 21.33 -4.96 -10.67
CA ASP B 324 19.95 -5.41 -10.65
C ASP B 324 19.42 -5.61 -12.06
N LEU B 325 18.55 -6.61 -12.21
CA LEU B 325 17.73 -6.75 -13.40
C LEU B 325 16.51 -5.84 -13.27
N ILE B 326 16.19 -5.11 -14.33
CA ILE B 326 15.09 -4.18 -14.35
C ILE B 326 14.06 -4.67 -15.37
N ALA B 327 12.82 -4.82 -14.94
CA ALA B 327 11.74 -5.26 -15.81
C ALA B 327 10.71 -4.13 -15.92
N GLU B 328 10.50 -3.66 -17.14
CA GLU B 328 9.45 -2.68 -17.44
C GLU B 328 8.34 -3.38 -18.20
N ILE B 329 7.09 -3.09 -17.81
CA ILE B 329 5.91 -3.69 -18.41
C ILE B 329 5.03 -2.58 -18.96
N GLN B 330 4.49 -2.79 -20.16
CA GLN B 330 3.57 -1.84 -20.77
C GLN B 330 2.22 -2.51 -20.98
N LYS B 331 1.15 -1.82 -20.58
CA LYS B 331 -0.20 -2.27 -20.88
C LYS B 331 -0.51 -1.88 -22.32
N GLN B 332 -0.65 -2.88 -23.19
CA GLN B 332 -0.97 -2.64 -24.58
C GLN B 332 -2.46 -2.70 -24.88
N GLY B 333 -3.28 -3.06 -23.89
CA GLY B 333 -4.70 -3.19 -24.09
C GLY B 333 -5.07 -4.51 -24.74
N GLN B 334 -6.35 -4.87 -24.57
CA GLN B 334 -6.91 -6.11 -25.14
C GLN B 334 -6.13 -7.33 -24.67
N GLY B 335 -5.74 -7.32 -23.39
CA GLY B 335 -4.99 -8.40 -22.80
C GLY B 335 -3.55 -8.51 -23.23
N GLN B 336 -3.03 -7.56 -24.01
CA GLN B 336 -1.67 -7.60 -24.50
C GLN B 336 -0.75 -6.88 -23.52
N TRP B 337 0.37 -7.50 -23.19
CA TRP B 337 1.35 -6.91 -22.30
C TRP B 337 2.74 -7.15 -22.86
N THR B 338 3.53 -6.09 -22.99
CA THR B 338 4.90 -6.17 -23.44
C THR B 338 5.84 -5.88 -22.27
N TYR B 339 7.04 -6.46 -22.33
CA TYR B 339 7.99 -6.29 -21.24
C TYR B 339 9.42 -6.34 -21.78
N GLN B 340 10.32 -5.68 -21.06
CA GLN B 340 11.74 -5.65 -21.40
C GLN B 340 12.56 -5.85 -20.14
N ILE B 341 13.64 -6.62 -20.26
CA ILE B 341 14.55 -6.90 -19.16
C ILE B 341 15.91 -6.34 -19.53
N TYR B 342 16.40 -5.37 -18.75
CA TYR B 342 17.67 -4.74 -19.02
C TYR B 342 18.35 -4.41 -17.71
N GLN B 343 19.62 -4.06 -17.80
CA GLN B 343 20.39 -3.55 -16.67
C GLN B 343 20.87 -2.12 -16.88
N GLU B 344 21.25 -1.78 -18.11
CA GLU B 344 21.55 -0.43 -18.53
C GLU B 344 20.52 0.01 -19.57
N PRO B 345 20.20 1.31 -19.65
CA PRO B 345 19.20 1.75 -20.62
C PRO B 345 19.57 1.36 -22.04
N PHE B 346 18.56 0.91 -22.79
CA PHE B 346 18.66 0.47 -24.19
C PHE B 346 19.52 -0.78 -24.36
N LYS B 347 19.88 -1.45 -23.26
CA LYS B 347 20.65 -2.68 -23.34
C LYS B 347 19.77 -3.87 -22.94
N ASN B 348 18.73 -4.13 -23.74
CA ASN B 348 17.74 -5.14 -23.38
C ASN B 348 18.33 -6.54 -23.48
N LEU B 349 18.28 -7.28 -22.37
CA LEU B 349 18.64 -8.69 -22.39
C LEU B 349 17.53 -9.54 -22.99
N LYS B 350 16.28 -9.11 -22.86
CA LYS B 350 15.15 -9.81 -23.45
C LYS B 350 14.00 -8.83 -23.63
N THR B 351 13.27 -8.98 -24.73
CA THR B 351 12.05 -8.22 -24.98
C THR B 351 10.99 -9.20 -25.44
N GLY B 352 9.91 -9.33 -24.68
CA GLY B 352 8.86 -10.27 -24.98
C GLY B 352 7.48 -9.64 -24.81
N LYS B 353 6.46 -10.45 -25.10
CA LYS B 353 5.09 -10.04 -24.93
C LYS B 353 4.34 -11.11 -24.15
N TYR B 354 3.19 -10.72 -23.60
CA TYR B 354 2.39 -11.56 -22.71
C TYR B 354 0.93 -11.25 -22.99
N ALA B 355 0.35 -11.97 -23.94
CA ALA B 355 -1.03 -11.78 -24.36
C ALA B 355 -1.94 -12.76 -23.63
N ARG B 356 -3.04 -12.25 -23.07
CA ARG B 356 -3.94 -13.08 -22.28
C ARG B 356 -5.41 -12.86 -22.65
N MET B 357 -6.27 -12.77 -21.64
CA MET B 357 -7.70 -12.72 -21.87
C MET B 357 -8.09 -11.44 -22.60
N ARG B 358 -8.92 -11.59 -23.63
CA ARG B 358 -9.35 -10.46 -24.45
C ARG B 358 -10.86 -10.29 -24.37
N GLY B 359 -11.37 -10.00 -23.18
CA GLY B 359 -12.80 -9.88 -22.98
C GLY B 359 -13.24 -8.68 -22.15
N ALA B 360 -14.52 -8.62 -21.81
CA ALA B 360 -15.06 -7.52 -21.03
C ALA B 360 -14.93 -7.73 -19.53
N HIS B 361 -14.75 -8.97 -19.08
CA HIS B 361 -14.52 -9.27 -17.67
C HIS B 361 -13.03 -9.26 -17.32
N THR B 362 -12.22 -8.57 -18.12
CA THR B 362 -10.78 -8.57 -17.91
C THR B 362 -10.42 -7.84 -16.62
N ASN B 363 -9.51 -8.45 -15.86
CA ASN B 363 -8.97 -7.86 -14.65
C ASN B 363 -7.53 -7.43 -14.95
N ASP B 364 -7.32 -6.12 -15.08
CA ASP B 364 -5.98 -5.60 -15.35
C ASP B 364 -5.00 -6.06 -14.29
N VAL B 365 -5.33 -5.86 -13.01
CA VAL B 365 -4.41 -6.17 -11.92
C VAL B 365 -4.08 -7.66 -11.92
N LYS B 366 -5.08 -8.51 -12.12
CA LYS B 366 -4.83 -9.95 -12.15
C LYS B 366 -3.86 -10.31 -13.28
N GLN B 367 -4.10 -9.77 -14.47
CA GLN B 367 -3.19 -10.03 -15.59
C GLN B 367 -1.80 -9.48 -15.32
N LEU B 368 -1.71 -8.36 -14.61
CA LEU B 368 -0.40 -7.79 -14.31
C LEU B 368 0.37 -8.64 -13.31
N THR B 369 -0.32 -9.10 -12.25
CA THR B 369 0.34 -9.95 -11.26
C THR B 369 0.80 -11.27 -11.88
N GLU B 370 -0.01 -11.82 -12.78
CA GLU B 370 0.40 -13.03 -13.48
C GLU B 370 1.57 -12.74 -14.42
N ALA B 371 1.58 -11.55 -15.03
CA ALA B 371 2.69 -11.19 -15.92
C ALA B 371 4.00 -11.07 -15.16
N VAL B 372 3.98 -10.46 -13.97
CA VAL B 372 5.22 -10.32 -13.22
C VAL B 372 5.72 -11.67 -12.71
N GLN B 373 4.81 -12.63 -12.51
CA GLN B 373 5.25 -13.95 -12.09
C GLN B 373 5.92 -14.70 -13.23
N LYS B 374 5.32 -14.65 -14.42
CA LYS B 374 5.93 -15.30 -15.58
C LYS B 374 7.26 -14.65 -15.93
N ILE B 375 7.35 -13.32 -15.81
CA ILE B 375 8.61 -12.64 -16.09
C ILE B 375 9.66 -12.99 -15.04
N THR B 376 9.25 -13.09 -13.77
CA THR B 376 10.19 -13.50 -12.73
C THR B 376 10.61 -14.95 -12.91
N THR B 377 9.66 -15.82 -13.26
CA THR B 377 9.99 -17.21 -13.50
C THR B 377 11.00 -17.35 -14.63
N GLU B 378 10.85 -16.56 -15.69
CA GLU B 378 11.81 -16.58 -16.78
C GLU B 378 13.17 -16.07 -16.34
N SER B 379 13.19 -14.99 -15.55
CA SER B 379 14.46 -14.43 -15.08
C SER B 379 15.20 -15.40 -14.16
N ILE B 380 14.47 -16.21 -13.40
CA ILE B 380 15.11 -17.22 -12.55
C ILE B 380 15.71 -18.32 -13.42
N VAL B 381 14.97 -18.77 -14.43
CA VAL B 381 15.45 -19.86 -15.27
C VAL B 381 16.63 -19.41 -16.13
N ILE B 382 16.62 -18.16 -16.59
CA ILE B 382 17.64 -17.70 -17.52
C ILE B 382 18.89 -17.23 -16.78
N TRP B 383 18.73 -16.34 -15.80
CA TRP B 383 19.86 -15.74 -15.11
C TRP B 383 19.99 -16.14 -13.65
N GLY B 384 18.98 -16.79 -13.07
CA GLY B 384 19.06 -17.19 -11.68
C GLY B 384 18.83 -16.08 -10.69
N LYS B 385 18.28 -14.95 -11.12
CA LYS B 385 18.04 -13.81 -10.24
C LYS B 385 16.63 -13.29 -10.47
N THR B 386 16.09 -12.64 -9.45
CA THR B 386 14.78 -12.05 -9.65
C THR B 386 14.91 -10.58 -10.04
N PRO B 387 14.12 -10.08 -10.99
CA PRO B 387 14.27 -8.69 -11.41
C PRO B 387 13.47 -7.72 -10.55
N LYS B 388 13.83 -6.45 -10.68
CA LYS B 388 13.11 -5.35 -10.06
C LYS B 388 12.14 -4.78 -11.08
N PHE B 389 10.85 -4.75 -10.75
CA PHE B 389 9.82 -4.39 -11.70
C PHE B 389 9.44 -2.92 -11.60
N LYS B 390 9.26 -2.30 -12.77
CA LYS B 390 8.65 -0.97 -12.88
C LYS B 390 7.20 -1.18 -13.30
N LEU B 391 6.29 -1.16 -12.33
CA LEU B 391 4.90 -1.55 -12.55
C LEU B 391 4.08 -0.35 -13.02
N PRO B 392 3.31 -0.49 -14.16
CA PRO B 392 2.44 0.60 -14.64
C PRO B 392 1.08 0.58 -13.94
N ILE B 393 1.10 0.87 -12.65
CA ILE B 393 -0.10 0.82 -11.82
C ILE B 393 0.08 1.75 -10.63
N GLN B 394 -1.03 2.29 -10.15
CA GLN B 394 -1.00 3.06 -8.91
C GLN B 394 -0.60 2.16 -7.75
N LYS B 395 0.19 2.72 -6.81
CA LYS B 395 0.69 1.94 -5.69
C LYS B 395 -0.45 1.36 -4.85
N GLU B 396 -1.48 2.16 -4.58
CA GLU B 396 -2.59 1.69 -3.77
C GLU B 396 -3.36 0.57 -4.47
N THR B 397 -3.55 0.70 -5.79
CA THR B 397 -4.25 -0.35 -6.54
C THR B 397 -3.52 -1.67 -6.45
N TRP B 398 -2.19 -1.65 -6.63
CA TRP B 398 -1.42 -2.89 -6.59
C TRP B 398 -1.47 -3.52 -5.21
N GLU B 399 -1.21 -2.74 -4.16
CA GLU B 399 -1.19 -3.28 -2.80
C GLU B 399 -2.56 -3.78 -2.35
N THR B 400 -3.64 -3.31 -2.97
CA THR B 400 -4.97 -3.73 -2.54
C THR B 400 -5.27 -5.15 -2.98
N TRP B 401 -4.81 -5.56 -4.16
CA TRP B 401 -5.26 -6.81 -4.77
C TRP B 401 -4.17 -7.78 -5.23
N TRP B 402 -2.89 -7.41 -5.18
CA TRP B 402 -1.88 -8.26 -5.80
C TRP B 402 -1.75 -9.61 -5.10
N THR B 403 -1.94 -9.66 -3.78
CA THR B 403 -1.84 -10.93 -3.07
C THR B 403 -2.98 -11.88 -3.43
N GLU B 404 -4.08 -11.35 -3.96
CA GLU B 404 -5.22 -12.19 -4.32
C GLU B 404 -4.92 -13.09 -5.50
N TYR B 405 -3.90 -12.78 -6.30
CA TYR B 405 -3.57 -13.56 -7.49
C TYR B 405 -2.16 -14.12 -7.48
N TRP B 406 -1.45 -14.02 -6.35
CA TRP B 406 -0.10 -14.52 -6.28
C TRP B 406 -0.09 -16.03 -6.05
N GLN B 407 0.81 -16.73 -6.75
CA GLN B 407 0.93 -18.18 -6.62
C GLN B 407 2.36 -18.66 -6.45
N ALA B 408 3.34 -17.76 -6.44
CA ALA B 408 4.74 -18.14 -6.30
C ALA B 408 5.17 -18.05 -4.84
N THR B 409 6.25 -18.74 -4.51
CA THR B 409 6.80 -18.75 -3.16
C THR B 409 7.80 -17.63 -2.91
N TRP B 410 8.26 -16.95 -3.96
CA TRP B 410 9.11 -15.78 -3.84
C TRP B 410 8.33 -14.53 -4.19
N ILE B 411 8.89 -13.39 -3.82
CA ILE B 411 8.31 -12.09 -4.15
C ILE B 411 9.42 -11.19 -4.69
N PRO B 412 9.29 -10.65 -5.90
CA PRO B 412 10.30 -9.74 -6.42
C PRO B 412 10.11 -8.33 -5.90
N GLU B 413 11.16 -7.53 -6.02
CA GLU B 413 11.06 -6.12 -5.69
C GLU B 413 10.38 -5.37 -6.82
N TRP B 414 9.68 -4.29 -6.47
CA TRP B 414 8.98 -3.51 -7.47
C TRP B 414 8.89 -2.05 -7.03
N GLU B 415 8.87 -1.17 -8.02
CA GLU B 415 8.51 0.23 -7.86
C GLU B 415 7.37 0.54 -8.82
N PHE B 416 6.73 1.68 -8.59
CA PHE B 416 5.55 2.07 -9.36
C PHE B 416 5.88 3.31 -10.19
N VAL B 417 5.50 3.27 -11.47
CA VAL B 417 5.91 4.28 -12.43
C VAL B 417 4.67 4.98 -12.99
N ASN B 418 4.90 6.16 -13.54
CA ASN B 418 3.90 6.92 -14.30
C ASN B 418 4.34 6.85 -15.77
N THR B 419 3.94 5.77 -16.44
CA THR B 419 4.50 5.42 -17.72
C THR B 419 4.22 6.51 -18.76
N PRO B 420 5.17 6.77 -19.67
CA PRO B 420 4.88 7.63 -20.81
C PRO B 420 4.18 6.84 -21.89
N PRO B 421 3.23 7.47 -22.61
CA PRO B 421 2.52 6.74 -23.67
C PRO B 421 3.40 6.47 -24.88
N LEU B 422 4.70 6.78 -24.77
CA LEU B 422 5.60 6.63 -25.90
C LEU B 422 6.16 5.22 -25.97
N VAL B 423 6.72 4.71 -24.87
CA VAL B 423 7.26 3.35 -24.85
C VAL B 423 6.18 2.34 -25.19
N LYS B 424 4.93 2.62 -24.81
CA LYS B 424 3.81 1.77 -25.22
C LYS B 424 3.68 1.71 -26.73
N LEU B 425 3.82 2.86 -27.41
CA LEU B 425 3.66 2.89 -28.85
C LEU B 425 4.84 2.26 -29.57
N TRP B 426 6.02 2.22 -28.93
CA TRP B 426 7.19 1.68 -29.60
C TRP B 426 7.14 0.16 -29.66
N TYR B 427 6.89 -0.49 -28.52
CA TYR B 427 6.77 -1.95 -28.48
C TYR B 427 5.40 -2.44 -28.93
N GLN B 428 4.83 -1.82 -29.96
CA GLN B 428 3.55 -2.23 -30.53
C GLN B 428 2.42 -2.09 -29.52
#